data_3DC7
#
_entry.id   3DC7
#
_cell.length_a   48.610
_cell.length_b   101.440
_cell.length_c   125.550
_cell.angle_alpha   90.00
_cell.angle_beta   90.00
_cell.angle_gamma   90.00
#
_symmetry.space_group_name_H-M   'P 21 21 21'
#
loop_
_entity.id
_entity.type
_entity.pdbx_description
1 polymer 'Putative uncharacterized protein lp_3323'
2 non-polymer 'SULFATE ION'
3 non-polymer 'SODIUM ION'
4 non-polymer 'MAGNESIUM ION'
5 water water
#
_entity_poly.entity_id   1
_entity_poly.type   'polypeptide(L)'
_entity_poly.pdbx_seq_one_letter_code
;(MSE)IA(MSE)IVKGGLA(MSE)AISNGHVSFKRPAWLGDSITANNGLATVHYHDILAADWDVERSDNLGISGSTIGSR
YDA(MSE)AVRYQAIPEDADFIAVFGGVNDYGRDQPLGQYGDCD(MSE)TTFYGAL(MSE)(MSE)LLTGLQTNWPTVPK
LFISAIHIGSDFGGSFSAVTNGLGYRQSDYEAAIAQ(MSE)TADYGVPHLSLYRDAG(MSE)TFAIPAQAAIYSVDTLHP
NNAGHRVIARKLQSFLDSHFLEHHHHHH
;
_entity_poly.pdbx_strand_id   A,B,C
#
loop_
_chem_comp.id
_chem_comp.type
_chem_comp.name
_chem_comp.formula
MG non-polymer 'MAGNESIUM ION' 'Mg 2'
NA non-polymer 'SODIUM ION' 'Na 1'
SO4 non-polymer 'SULFATE ION' 'O4 S -2'
#
# COMPACT_ATOMS: atom_id res chain seq x y z
N HIS A 18 -3.39 -11.37 18.33
CA HIS A 18 -2.05 -11.09 17.72
C HIS A 18 -1.57 -12.23 16.85
N VAL A 19 -0.89 -11.89 15.76
CA VAL A 19 -0.40 -12.90 14.84
C VAL A 19 0.86 -13.55 15.40
N SER A 20 0.82 -14.88 15.52
CA SER A 20 1.99 -15.69 15.87
C SER A 20 1.97 -17.00 15.10
N PHE A 21 3.13 -17.64 14.96
CA PHE A 21 3.25 -18.94 14.29
C PHE A 21 4.15 -19.87 15.11
N LYS A 22 3.96 -21.17 14.96
CA LYS A 22 4.71 -22.15 15.77
C LYS A 22 5.95 -22.68 15.07
N ARG A 23 5.95 -22.71 13.74
CA ARG A 23 7.02 -23.29 12.94
C ARG A 23 7.42 -22.40 11.77
N PRO A 24 7.89 -21.17 12.07
CA PRO A 24 8.27 -20.26 10.97
C PRO A 24 9.55 -20.72 10.27
N ALA A 25 9.68 -20.38 9.00
CA ALA A 25 10.90 -20.61 8.27
C ALA A 25 11.36 -19.29 7.65
N TRP A 26 12.62 -18.97 7.84
CA TRP A 26 13.18 -17.67 7.48
C TRP A 26 14.23 -17.83 6.40
N LEU A 27 13.88 -17.47 5.16
CA LEU A 27 14.80 -17.58 4.03
C LEU A 27 15.40 -16.22 3.71
N GLY A 28 16.72 -16.10 3.74
CA GLY A 28 17.36 -14.82 3.48
C GLY A 28 18.87 -14.79 3.36
N ASP A 29 19.44 -13.61 3.58
CA ASP A 29 20.87 -13.40 3.48
C ASP A 29 21.48 -13.21 4.88
N SER A 30 22.47 -12.35 5.02
CA SER A 30 23.17 -12.17 6.30
C SER A 30 22.33 -11.51 7.40
N ILE A 31 21.35 -10.71 6.99
CA ILE A 31 20.43 -10.05 7.92
C ILE A 31 19.55 -11.10 8.63
N THR A 32 19.31 -12.23 7.96
CA THR A 32 18.61 -13.38 8.51
C THR A 32 19.59 -14.44 9.10
N ALA A 33 20.75 -14.62 8.47
CA ALA A 33 21.70 -15.68 8.87
C ALA A 33 22.19 -15.56 10.31
N ASN A 34 22.31 -16.70 10.99
CA ASN A 34 22.80 -16.74 12.37
C ASN A 34 24.22 -16.17 12.51
N ASN A 35 25.05 -16.35 11.49
CA ASN A 35 26.44 -15.89 11.48
C ASN A 35 26.67 -14.36 11.49
N GLY A 36 25.74 -13.61 12.07
CA GLY A 36 25.66 -12.16 11.86
C GLY A 36 26.57 -11.24 12.66
N LEU A 37 26.68 -10.00 12.19
CA LEU A 37 27.35 -8.90 12.91
C LEU A 37 26.49 -8.35 14.06
N ALA A 38 25.18 -8.52 13.95
CA ALA A 38 24.25 -8.24 15.02
C ALA A 38 23.97 -9.55 15.73
N THR A 39 23.98 -9.52 17.06
CA THR A 39 23.78 -10.74 17.82
C THR A 39 22.31 -11.15 17.96
N VAL A 40 21.40 -10.16 17.88
CA VAL A 40 19.97 -10.41 18.06
C VAL A 40 19.16 -9.95 16.85
N HIS A 41 18.70 -10.90 16.05
CA HIS A 41 18.04 -10.63 14.78
C HIS A 41 16.53 -10.46 14.95
N TYR A 42 15.88 -9.92 13.93
CA TYR A 42 14.44 -9.71 13.98
C TYR A 42 13.68 -11.02 14.27
N HIS A 43 14.13 -12.12 13.66
CA HIS A 43 13.45 -13.39 13.84
C HIS A 43 13.69 -14.00 15.22
N ASP A 44 14.78 -13.62 15.88
CA ASP A 44 15.07 -14.07 17.24
C ASP A 44 14.11 -13.39 18.22
N ILE A 45 13.88 -12.10 17.99
CA ILE A 45 12.85 -11.34 18.72
C ILE A 45 11.47 -11.97 18.53
N LEU A 46 11.06 -12.19 17.28
CA LEU A 46 9.74 -12.75 16.99
C LEU A 46 9.57 -14.18 17.46
N ALA A 47 10.60 -15.00 17.26
CA ALA A 47 10.51 -16.40 17.68
C ALA A 47 10.25 -16.51 19.19
N ALA A 48 10.91 -15.65 19.97
CA ALA A 48 10.71 -15.58 21.42
C ALA A 48 9.31 -15.10 21.81
N ASP A 49 8.84 -14.02 21.18
CA ASP A 49 7.50 -13.49 21.41
C ASP A 49 6.41 -14.48 21.03
N TRP A 50 6.66 -15.30 20.02
CA TRP A 50 5.67 -16.24 19.52
C TRP A 50 5.67 -17.56 20.28
N ASP A 51 6.70 -17.78 21.10
CA ASP A 51 6.97 -19.06 21.76
C ASP A 51 6.86 -20.19 20.76
N VAL A 52 7.75 -20.15 19.77
CA VAL A 52 7.73 -21.10 18.67
C VAL A 52 8.14 -22.49 19.14
N GLU A 53 7.55 -23.48 18.47
CA GLU A 53 7.90 -24.86 18.61
C GLU A 53 9.30 -25.05 17.99
N ARG A 54 9.51 -24.44 16.82
CA ARG A 54 10.85 -24.34 16.25
C ARG A 54 10.95 -23.21 15.23
N SER A 55 12.16 -22.70 15.02
CA SER A 55 12.39 -21.57 14.12
C SER A 55 13.55 -21.92 13.20
N ASP A 56 13.22 -22.23 11.94
CA ASP A 56 14.23 -22.64 10.95
C ASP A 56 14.89 -21.47 10.24
N ASN A 57 16.19 -21.37 10.42
CA ASN A 57 16.98 -20.27 9.87
C ASN A 57 17.65 -20.72 8.58
N LEU A 58 17.18 -20.19 7.45
CA LEU A 58 17.76 -20.48 6.15
C LEU A 58 18.46 -19.26 5.55
N GLY A 59 19.17 -18.52 6.39
CA GLY A 59 19.91 -17.35 5.95
C GLY A 59 21.33 -17.76 5.63
N ILE A 60 21.89 -17.19 4.57
CA ILE A 60 23.27 -17.42 4.19
C ILE A 60 23.83 -16.06 3.84
N SER A 61 24.91 -15.67 4.52
CA SER A 61 25.63 -14.44 4.25
C SER A 61 25.93 -14.30 2.76
N GLY A 62 25.56 -13.15 2.20
CA GLY A 62 25.93 -12.82 0.84
C GLY A 62 25.01 -13.34 -0.24
N SER A 63 24.00 -14.11 0.14
CA SER A 63 23.11 -14.80 -0.80
C SER A 63 22.20 -13.87 -1.61
N THR A 64 22.08 -14.16 -2.90
CA THR A 64 21.19 -13.42 -3.80
C THR A 64 19.95 -14.26 -4.03
N ILE A 65 18.89 -13.67 -4.57
CA ILE A 65 17.73 -14.45 -5.01
C ILE A 65 18.09 -15.18 -6.31
N GLY A 66 18.80 -14.47 -7.20
CA GLY A 66 19.26 -15.03 -8.47
C GLY A 66 20.51 -15.88 -8.37
N SER A 67 21.01 -16.27 -9.53
CA SER A 67 22.09 -17.25 -9.67
C SER A 67 23.49 -16.92 -9.10
N ARG A 68 23.74 -15.65 -8.75
CA ARG A 68 25.11 -15.18 -8.50
C ARG A 68 25.77 -15.80 -7.28
N TYR A 69 25.01 -15.89 -6.18
CA TYR A 69 25.51 -16.38 -4.89
C TYR A 69 24.45 -17.17 -4.11
N ASP A 70 24.62 -18.48 -3.96
CA ASP A 70 23.71 -19.31 -3.16
C ASP A 70 22.24 -19.01 -3.40
N ALA A 71 21.82 -19.09 -4.68
CA ALA A 71 20.48 -18.68 -5.12
C ALA A 71 19.34 -19.09 -4.19
N MSE A 72 18.67 -18.12 -3.60
CA MSE A 72 17.41 -18.40 -2.87
C MSE A 72 16.34 -19.07 -3.75
O MSE A 72 15.47 -19.80 -3.25
CB MSE A 72 16.86 -17.15 -2.24
CG MSE A 72 17.65 -16.63 -1.06
SE MSE A 72 16.84 -15.00 -0.29
CE MSE A 72 18.48 -13.95 -0.10
N ALA A 73 16.42 -18.83 -5.05
CA ALA A 73 15.49 -19.44 -6.00
C ALA A 73 15.70 -20.94 -6.15
N VAL A 74 16.79 -21.47 -5.58
CA VAL A 74 16.95 -22.92 -5.41
C VAL A 74 16.92 -23.33 -3.93
N ARG A 75 17.52 -22.52 -3.06
CA ARG A 75 17.63 -22.89 -1.65
C ARG A 75 16.29 -23.02 -0.92
N TYR A 76 15.24 -22.41 -1.47
CA TYR A 76 13.89 -22.49 -0.88
C TYR A 76 13.43 -23.94 -0.70
N GLN A 77 14.00 -24.86 -1.48
CA GLN A 77 13.61 -26.27 -1.49
C GLN A 77 14.05 -26.99 -0.21
N ALA A 78 14.85 -26.30 0.61
CA ALA A 78 15.27 -26.81 1.93
C ALA A 78 14.33 -26.40 3.07
N ILE A 79 13.33 -25.56 2.77
CA ILE A 79 12.30 -25.19 3.75
C ILE A 79 11.58 -26.47 4.20
N PRO A 80 11.44 -26.66 5.53
CA PRO A 80 10.75 -27.84 6.08
C PRO A 80 9.34 -28.02 5.54
N GLU A 81 8.94 -29.26 5.28
CA GLU A 81 7.61 -29.54 4.70
C GLU A 81 6.42 -29.06 5.56
N ASP A 82 6.62 -29.03 6.88
CA ASP A 82 5.57 -28.58 7.80
C ASP A 82 5.79 -27.17 8.38
N ALA A 83 6.49 -26.32 7.62
CA ALA A 83 6.57 -24.90 7.93
C ALA A 83 5.17 -24.31 7.97
N ASP A 84 4.84 -23.54 9.00
CA ASP A 84 3.52 -22.92 9.09
C ASP A 84 3.53 -21.43 8.70
N PHE A 85 4.73 -20.92 8.42
CA PHE A 85 4.93 -19.55 7.95
C PHE A 85 6.26 -19.50 7.20
N ILE A 86 6.25 -18.83 6.05
CA ILE A 86 7.48 -18.64 5.28
C ILE A 86 7.71 -17.16 4.99
N ALA A 87 8.87 -16.69 5.42
CA ALA A 87 9.32 -15.34 5.14
C ALA A 87 10.56 -15.36 4.23
N VAL A 88 10.55 -14.52 3.20
CA VAL A 88 11.72 -14.34 2.34
C VAL A 88 12.23 -12.91 2.45
N PHE A 89 13.50 -12.78 2.79
CA PHE A 89 14.11 -11.49 3.02
C PHE A 89 15.35 -11.35 2.12
N GLY A 90 15.13 -10.92 0.89
CA GLY A 90 16.20 -10.88 -0.10
C GLY A 90 16.11 -9.74 -1.10
N GLY A 91 17.16 -9.61 -1.92
CA GLY A 91 17.23 -8.59 -2.96
C GLY A 91 18.36 -7.58 -2.79
N VAL A 92 18.83 -7.39 -1.56
CA VAL A 92 19.85 -6.39 -1.33
C VAL A 92 21.20 -6.82 -1.90
N ASN A 93 21.48 -8.12 -1.87
CA ASN A 93 22.67 -8.67 -2.52
C ASN A 93 22.52 -8.73 -4.03
N ASP A 94 21.32 -9.03 -4.51
CA ASP A 94 21.09 -8.95 -5.94
C ASP A 94 21.40 -7.54 -6.43
N TYR A 95 20.97 -6.52 -5.68
CA TYR A 95 21.34 -5.15 -6.01
C TYR A 95 22.86 -4.91 -5.87
N GLY A 96 23.38 -5.13 -4.66
CA GLY A 96 24.75 -4.76 -4.34
C GLY A 96 25.84 -5.64 -4.93
N ARG A 97 25.50 -6.87 -5.30
CA ARG A 97 26.48 -7.76 -5.91
C ARG A 97 26.22 -7.95 -7.41
N ASP A 98 25.47 -7.02 -8.00
CA ASP A 98 25.31 -6.95 -9.44
C ASP A 98 24.67 -8.20 -10.07
N GLN A 99 23.51 -8.60 -9.56
CA GLN A 99 22.66 -9.57 -10.29
C GLN A 99 21.99 -8.83 -11.44
N PRO A 100 22.14 -9.31 -12.69
CA PRO A 100 21.39 -8.63 -13.76
C PRO A 100 19.93 -8.55 -13.36
N LEU A 101 19.30 -7.40 -13.60
CA LEU A 101 17.92 -7.18 -13.21
C LEU A 101 16.96 -7.97 -14.11
N GLY A 102 17.23 -7.95 -15.41
CA GLY A 102 16.34 -8.57 -16.35
C GLY A 102 15.10 -7.73 -16.54
N GLN A 103 14.05 -8.37 -17.00
CA GLN A 103 12.84 -7.70 -17.46
C GLN A 103 11.63 -8.52 -16.99
N TYR A 104 10.54 -7.84 -16.69
CA TYR A 104 9.31 -8.50 -16.30
C TYR A 104 8.89 -9.50 -17.39
N GLY A 105 8.71 -10.76 -17.02
CA GLY A 105 8.45 -11.81 -18.00
C GLY A 105 9.58 -12.81 -18.15
N ASP A 106 10.78 -12.47 -17.68
CA ASP A 106 11.88 -13.44 -17.66
C ASP A 106 11.54 -14.57 -16.71
N CYS A 107 11.94 -15.79 -17.07
CA CYS A 107 11.58 -16.95 -16.24
C CYS A 107 12.73 -17.88 -15.88
N ASP A 108 13.96 -17.38 -15.99
CA ASP A 108 15.07 -18.12 -15.45
C ASP A 108 15.96 -17.31 -14.49
N MSE A 109 16.71 -18.05 -13.67
CA MSE A 109 17.44 -17.56 -12.53
C MSE A 109 18.62 -16.67 -12.87
O MSE A 109 19.27 -16.13 -11.97
CB MSE A 109 17.95 -18.76 -11.78
CG MSE A 109 17.95 -18.60 -10.31
SE MSE A 109 18.27 -20.36 -9.61
CE MSE A 109 16.68 -21.29 -10.25
N THR A 110 18.92 -16.55 -14.15
CA THR A 110 19.97 -15.69 -14.67
C THR A 110 19.72 -14.21 -14.35
N THR A 111 18.44 -13.84 -14.22
CA THR A 111 18.08 -12.46 -13.91
C THR A 111 17.27 -12.39 -12.63
N PHE A 112 17.20 -11.21 -12.04
CA PHE A 112 16.46 -11.01 -10.80
C PHE A 112 14.97 -11.31 -10.99
N TYR A 113 14.39 -10.86 -12.10
CA TYR A 113 12.99 -11.10 -12.42
C TYR A 113 12.68 -12.57 -12.64
N GLY A 114 13.54 -13.24 -13.40
CA GLY A 114 13.42 -14.67 -13.62
C GLY A 114 13.55 -15.47 -12.35
N ALA A 115 14.46 -15.06 -11.46
CA ALA A 115 14.67 -15.80 -10.22
C ALA A 115 13.51 -15.64 -9.22
N LEU A 116 12.94 -14.44 -9.11
CA LEU A 116 11.68 -14.23 -8.38
C LEU A 116 10.55 -15.14 -8.88
N MSE A 117 10.37 -15.24 -10.20
CA MSE A 117 9.32 -16.10 -10.77
C MSE A 117 9.43 -17.56 -10.32
O MSE A 117 8.44 -18.19 -9.92
CB MSE A 117 9.29 -16.02 -12.29
CG MSE A 117 8.27 -16.97 -12.89
SE MSE A 117 8.14 -16.84 -14.82
CE MSE A 117 7.37 -15.02 -14.99
N MSE A 118 10.64 -18.10 -10.39
CA MSE A 118 10.84 -19.47 -9.99
C MSE A 118 10.71 -19.65 -8.49
O MSE A 118 10.11 -20.63 -8.05
CB MSE A 118 12.16 -20.00 -10.50
CG MSE A 118 12.10 -20.29 -11.98
SE MSE A 118 13.90 -20.48 -12.60
CE MSE A 118 14.09 -22.40 -12.19
N LEU A 119 11.23 -18.70 -7.72
CA LEU A 119 11.07 -18.73 -6.27
C LEU A 119 9.58 -18.74 -5.90
N LEU A 120 8.84 -17.75 -6.38
CA LEU A 120 7.41 -17.61 -6.12
C LEU A 120 6.57 -18.80 -6.59
N THR A 121 6.88 -19.36 -7.77
CA THR A 121 6.20 -20.55 -8.26
C THR A 121 6.49 -21.76 -7.37
N GLY A 122 7.77 -21.95 -7.02
CA GLY A 122 8.16 -22.99 -6.09
C GLY A 122 7.39 -22.97 -4.78
N LEU A 123 7.28 -21.78 -4.19
CA LEU A 123 6.64 -21.62 -2.88
C LEU A 123 5.14 -21.92 -2.92
N GLN A 124 4.48 -21.47 -3.98
CA GLN A 124 3.03 -21.57 -4.10
C GLN A 124 2.62 -22.98 -4.51
N THR A 125 3.51 -23.66 -5.24
CA THR A 125 3.30 -25.04 -5.67
C THR A 125 3.45 -25.97 -4.48
N ASN A 126 4.49 -25.77 -3.68
CA ASN A 126 4.81 -26.74 -2.63
C ASN A 126 4.25 -26.46 -1.23
N TRP A 127 3.91 -25.20 -0.96
CA TRP A 127 3.23 -24.83 0.29
C TRP A 127 1.98 -23.96 -0.03
N PRO A 128 1.01 -24.55 -0.74
CA PRO A 128 -0.15 -23.77 -1.21
C PRO A 128 -1.01 -23.13 -0.12
N THR A 129 -1.09 -23.77 1.05
CA THR A 129 -1.90 -23.23 2.14
C THR A 129 -1.09 -22.47 3.20
N VAL A 130 0.22 -22.38 3.06
CA VAL A 130 1.06 -21.72 4.07
C VAL A 130 1.11 -20.21 3.84
N PRO A 131 0.84 -19.40 4.90
CA PRO A 131 0.99 -17.96 4.76
C PRO A 131 2.44 -17.56 4.51
N LYS A 132 2.65 -16.63 3.58
CA LYS A 132 3.99 -16.20 3.19
C LYS A 132 4.06 -14.71 3.05
N LEU A 133 5.21 -14.14 3.35
CA LEU A 133 5.47 -12.78 2.94
C LEU A 133 6.89 -12.56 2.42
N PHE A 134 7.02 -11.56 1.57
N PHE A 134 7.01 -11.58 1.53
CA PHE A 134 8.30 -11.12 1.02
CA PHE A 134 8.31 -11.15 1.07
C PHE A 134 8.72 -9.83 1.68
C PHE A 134 8.68 -9.87 1.79
N ILE A 135 9.94 -9.80 2.20
CA ILE A 135 10.48 -8.61 2.86
C ILE A 135 11.64 -8.08 2.02
N SER A 136 11.55 -6.81 1.61
CA SER A 136 12.69 -6.19 0.91
C SER A 136 13.38 -5.14 1.80
N ALA A 137 14.69 -4.99 1.61
CA ALA A 137 15.56 -4.27 2.54
C ALA A 137 15.47 -2.76 2.53
N ILE A 138 15.89 -2.18 3.64
CA ILE A 138 16.14 -0.75 3.81
C ILE A 138 17.10 -0.21 2.71
N HIS A 139 16.85 1.04 2.31
CA HIS A 139 17.75 1.79 1.43
C HIS A 139 19.13 1.79 2.06
N ILE A 140 20.12 1.28 1.34
CA ILE A 140 21.47 1.17 1.90
C ILE A 140 22.30 2.40 1.62
N GLY A 141 23.40 2.56 2.36
CA GLY A 141 24.35 3.66 2.16
C GLY A 141 25.48 3.24 1.24
N SER A 142 26.58 3.97 1.29
CA SER A 142 27.69 3.80 0.35
C SER A 142 29.01 3.35 0.98
N ASP A 143 28.96 2.94 2.24
CA ASP A 143 30.19 2.73 2.99
C ASP A 143 30.59 1.27 3.19
N PHE A 144 29.78 0.34 2.68
CA PHE A 144 30.08 -1.09 2.81
C PHE A 144 31.24 -1.59 1.92
N GLY A 145 31.22 -1.23 0.63
CA GLY A 145 32.24 -1.70 -0.31
C GLY A 145 31.62 -2.23 -1.60
N GLY A 146 32.48 -2.64 -2.54
CA GLY A 146 32.00 -3.16 -3.83
C GLY A 146 30.98 -2.25 -4.47
N SER A 147 29.90 -2.83 -5.01
CA SER A 147 28.86 -2.07 -5.68
C SER A 147 27.68 -1.76 -4.74
N PHE A 148 27.95 -1.78 -3.44
CA PHE A 148 26.93 -1.45 -2.46
C PHE A 148 26.87 0.07 -2.28
N SER A 149 26.01 0.72 -3.06
CA SER A 149 26.02 2.18 -3.14
C SER A 149 24.64 2.76 -2.84
N ALA A 150 24.62 4.00 -2.35
CA ALA A 150 23.37 4.70 -2.12
C ALA A 150 22.73 5.17 -3.44
N VAL A 151 23.49 5.08 -4.53
CA VAL A 151 23.11 5.66 -5.82
C VAL A 151 22.75 4.58 -6.88
N THR A 152 23.77 3.94 -7.46
CA THR A 152 23.60 2.87 -8.47
C THR A 152 24.63 1.75 -8.21
N ASN A 153 24.35 0.54 -8.66
CA ASN A 153 25.31 -0.57 -8.57
C ASN A 153 26.20 -0.62 -9.83
N GLY A 154 27.07 -1.62 -9.94
CA GLY A 154 27.99 -1.73 -11.10
C GLY A 154 27.32 -1.89 -12.46
N LEU A 155 26.06 -2.28 -12.47
CA LEU A 155 25.32 -2.43 -13.72
C LEU A 155 24.52 -1.17 -14.00
N GLY A 156 24.61 -0.19 -13.11
CA GLY A 156 23.94 1.08 -13.29
C GLY A 156 22.47 1.15 -12.90
N TYR A 157 21.93 0.09 -12.28
CA TYR A 157 20.57 0.13 -11.75
C TYR A 157 20.58 0.71 -10.34
N ARG A 158 19.41 1.19 -9.92
CA ARG A 158 19.20 1.71 -8.58
CA ARG A 158 19.24 1.69 -8.57
C ARG A 158 18.57 0.61 -7.72
N GLN A 159 18.74 0.70 -6.40
CA GLN A 159 18.13 -0.26 -5.48
C GLN A 159 16.61 -0.35 -5.71
N SER A 160 15.98 0.80 -5.93
CA SER A 160 14.53 0.90 -6.18
C SER A 160 14.05 0.20 -7.45
N ASP A 161 14.97 -0.12 -8.37
CA ASP A 161 14.61 -0.95 -9.54
C ASP A 161 14.38 -2.41 -9.15
N TYR A 162 15.18 -2.89 -8.20
CA TYR A 162 15.03 -4.24 -7.65
C TYR A 162 13.82 -4.32 -6.73
N GLU A 163 13.69 -3.32 -5.88
CA GLU A 163 12.53 -3.14 -5.02
C GLU A 163 11.20 -3.15 -5.83
N ALA A 164 11.18 -2.49 -6.98
CA ALA A 164 10.00 -2.51 -7.87
C ALA A 164 9.73 -3.89 -8.50
N ALA A 165 10.80 -4.60 -8.86
CA ALA A 165 10.71 -5.97 -9.37
C ALA A 165 10.02 -6.90 -8.36
N ILE A 166 10.47 -6.85 -7.11
CA ILE A 166 9.82 -7.59 -6.01
C ILE A 166 8.33 -7.23 -5.87
N ALA A 167 8.02 -5.93 -5.84
CA ALA A 167 6.60 -5.51 -5.76
C ALA A 167 5.80 -6.08 -6.94
N GLN A 168 6.30 -5.92 -8.17
CA GLN A 168 5.57 -6.44 -9.36
C GLN A 168 5.43 -7.96 -9.36
N MSE A 169 6.51 -8.69 -9.13
CA MSE A 169 6.48 -10.16 -9.14
C MSE A 169 5.66 -10.75 -8.00
O MSE A 169 4.92 -11.69 -8.23
CB MSE A 169 7.88 -10.77 -9.12
CG MSE A 169 8.70 -10.52 -10.37
SE MSE A 169 7.74 -11.11 -11.96
CE MSE A 169 7.52 -13.01 -11.55
N THR A 170 5.78 -10.23 -6.78
CA THR A 170 4.98 -10.76 -5.67
C THR A 170 3.48 -10.62 -5.93
N ALA A 171 3.11 -9.51 -6.56
CA ALA A 171 1.72 -9.22 -6.93
C ALA A 171 1.11 -10.31 -7.79
N ASP A 172 1.86 -10.77 -8.79
CA ASP A 172 1.39 -11.82 -9.69
C ASP A 172 1.14 -13.19 -9.06
N TYR A 173 1.65 -13.39 -7.84
CA TYR A 173 1.49 -14.66 -7.16
C TYR A 173 0.66 -14.51 -5.91
N GLY A 174 0.20 -13.29 -5.66
CA GLY A 174 -0.66 -12.97 -4.52
C GLY A 174 0.06 -12.90 -3.20
N VAL A 175 1.40 -12.82 -3.24
CA VAL A 175 2.20 -12.83 -2.04
C VAL A 175 2.37 -11.44 -1.44
N PRO A 176 1.89 -11.22 -0.21
CA PRO A 176 2.06 -9.91 0.43
C PRO A 176 3.53 -9.45 0.44
N HIS A 177 3.73 -8.15 0.33
CA HIS A 177 5.07 -7.62 0.25
C HIS A 177 5.25 -6.54 1.29
N LEU A 178 6.13 -6.77 2.25
CA LEU A 178 6.50 -5.78 3.24
C LEU A 178 7.78 -5.06 2.80
N SER A 179 7.65 -3.78 2.45
CA SER A 179 8.79 -3.02 1.96
C SER A 179 9.43 -2.21 3.07
N LEU A 180 10.52 -2.73 3.66
CA LEU A 180 11.27 -1.93 4.66
C LEU A 180 11.88 -0.72 4.00
N TYR A 181 12.17 -0.87 2.71
CA TYR A 181 12.62 0.22 1.86
C TYR A 181 11.70 1.46 2.01
N ARG A 182 10.39 1.29 1.79
CA ARG A 182 9.39 2.37 1.82
C ARG A 182 8.92 2.82 3.20
N ASP A 183 8.90 1.90 4.17
CA ASP A 183 8.11 2.10 5.39
C ASP A 183 8.83 1.85 6.72
N ALA A 184 10.11 1.46 6.70
CA ALA A 184 10.86 1.15 7.92
C ALA A 184 11.07 2.35 8.85
N GLY A 185 11.03 3.55 8.27
CA GLY A 185 11.21 4.79 9.00
C GLY A 185 12.61 5.37 8.91
N MSE A 186 13.48 4.71 8.15
CA MSE A 186 14.91 5.06 8.10
C MSE A 186 15.54 4.69 6.76
O MSE A 186 15.02 3.85 6.02
CB MSE A 186 15.68 4.34 9.22
CG MSE A 186 15.72 2.83 9.07
SE MSE A 186 16.07 1.84 10.75
CE MSE A 186 14.78 2.75 11.91
N THR A 187 16.67 5.33 6.46
CA THR A 187 17.51 4.97 5.33
C THR A 187 18.97 5.01 5.77
N PHE A 188 19.74 3.98 5.41
CA PHE A 188 21.18 3.96 5.74
C PHE A 188 22.03 4.91 4.88
N ALA A 189 21.41 5.49 3.85
CA ALA A 189 22.04 6.54 3.04
C ALA A 189 22.17 7.89 3.78
N ILE A 190 21.55 8.00 4.95
CA ILE A 190 21.75 9.15 5.82
C ILE A 190 22.60 8.71 7.00
N PRO A 191 23.80 9.31 7.16
CA PRO A 191 24.78 8.98 8.20
C PRO A 191 24.20 8.96 9.61
N ALA A 192 23.43 9.98 9.99
CA ALA A 192 22.80 10.05 11.32
C ALA A 192 22.00 8.79 11.65
N GLN A 193 21.29 8.23 10.66
CA GLN A 193 20.51 6.99 10.87
C GLN A 193 21.34 5.73 10.71
N ALA A 194 22.26 5.74 9.75
CA ALA A 194 23.23 4.65 9.56
C ALA A 194 24.04 4.42 10.85
N ALA A 195 24.45 5.52 11.47
CA ALA A 195 25.19 5.48 12.75
C ALA A 195 24.39 4.84 13.88
N ILE A 196 23.08 5.04 13.88
CA ILE A 196 22.23 4.55 14.98
C ILE A 196 21.71 3.14 14.75
N TYR A 197 21.36 2.83 13.49
CA TYR A 197 20.62 1.60 13.18
C TYR A 197 21.36 0.55 12.35
N SER A 198 22.55 0.90 11.86
CA SER A 198 23.30 0.00 11.02
C SER A 198 24.70 -0.19 11.55
N VAL A 199 25.30 -1.31 11.17
CA VAL A 199 26.72 -1.56 11.47
C VAL A 199 27.63 -0.80 10.50
N ASP A 200 27.22 -0.68 9.23
CA ASP A 200 28.14 -0.35 8.14
C ASP A 200 27.44 0.25 6.91
N THR A 201 26.24 0.79 7.14
CA THR A 201 25.33 1.30 6.10
C THR A 201 24.67 0.23 5.23
N LEU A 202 24.83 -1.04 5.60
CA LEU A 202 24.14 -2.14 4.93
C LEU A 202 23.40 -3.08 5.90
N HIS A 203 24.11 -3.60 6.91
CA HIS A 203 23.54 -4.53 7.87
C HIS A 203 22.92 -3.77 9.02
N PRO A 204 21.68 -4.12 9.41
CA PRO A 204 21.13 -3.53 10.62
C PRO A 204 21.93 -3.99 11.84
N ASN A 205 22.10 -3.11 12.81
CA ASN A 205 22.61 -3.52 14.10
C ASN A 205 21.45 -4.05 14.97
N ASN A 206 21.67 -4.25 16.27
CA ASN A 206 20.60 -4.71 17.15
C ASN A 206 19.41 -3.76 17.27
N ALA A 207 19.68 -2.45 17.30
CA ALA A 207 18.60 -1.45 17.32
C ALA A 207 17.76 -1.50 16.03
N GLY A 208 18.44 -1.73 14.91
CA GLY A 208 17.79 -1.82 13.60
C GLY A 208 16.93 -3.05 13.53
N HIS A 209 17.42 -4.14 14.10
CA HIS A 209 16.66 -5.37 14.20
C HIS A 209 15.41 -5.27 15.06
N ARG A 210 15.46 -4.51 16.15
CA ARG A 210 14.28 -4.29 16.99
CA ARG A 210 14.25 -4.36 16.97
C ARG A 210 13.20 -3.58 16.19
N VAL A 211 13.64 -2.58 15.41
CA VAL A 211 12.73 -1.83 14.52
C VAL A 211 12.08 -2.80 13.52
N ILE A 212 12.90 -3.61 12.86
CA ILE A 212 12.42 -4.55 11.85
C ILE A 212 11.38 -5.52 12.41
N ALA A 213 11.63 -6.04 13.61
CA ALA A 213 10.71 -6.91 14.32
C ALA A 213 9.36 -6.25 14.57
N ARG A 214 9.39 -5.00 15.02
CA ARG A 214 8.17 -4.21 15.21
C ARG A 214 7.42 -4.02 13.88
N LYS A 215 8.16 -3.68 12.83
CA LYS A 215 7.54 -3.45 11.52
C LYS A 215 6.91 -4.71 10.98
N LEU A 216 7.57 -5.84 11.19
CA LEU A 216 7.06 -7.12 10.72
C LEU A 216 5.80 -7.56 11.49
N GLN A 217 5.83 -7.44 12.82
CA GLN A 217 4.64 -7.80 13.60
C GLN A 217 3.42 -6.98 13.19
N SER A 218 3.60 -5.65 13.04
CA SER A 218 2.52 -4.75 12.61
C SER A 218 1.95 -5.23 11.30
N PHE A 219 2.84 -5.54 10.36
CA PHE A 219 2.43 -5.97 9.03
C PHE A 219 1.62 -7.27 9.09
N LEU A 220 2.08 -8.21 9.90
CA LEU A 220 1.40 -9.49 10.04
C LEU A 220 0.00 -9.31 10.64
N ASP A 221 -0.10 -8.45 11.66
CA ASP A 221 -1.37 -8.12 12.30
C ASP A 221 -2.39 -7.54 11.33
N SER A 222 -1.91 -6.79 10.34
CA SER A 222 -2.77 -6.06 9.39
C SER A 222 -3.05 -6.84 8.12
N HIS A 223 -2.44 -8.01 7.96
CA HIS A 223 -2.58 -8.76 6.72
C HIS A 223 -3.04 -10.20 6.88
N PHE A 224 -2.89 -10.75 8.10
CA PHE A 224 -3.11 -12.17 8.38
C PHE A 224 -4.02 -12.42 9.58
N LEU A 225 -5.31 -12.27 9.38
CA LEU A 225 -6.30 -12.42 10.44
C LEU A 225 -6.45 -13.85 10.97
N GLU A 226 -6.48 -14.83 10.07
CA GLU A 226 -6.64 -16.25 10.43
C GLU A 226 -5.70 -16.66 11.54
N HIS A 227 -4.52 -16.05 11.54
CA HIS A 227 -3.44 -16.47 12.41
C HIS A 227 -3.27 -15.58 13.63
N HIS A 228 -4.30 -14.77 13.90
CA HIS A 228 -4.48 -14.12 15.20
C HIS A 228 -4.79 -15.21 16.22
N HIS A 229 -4.15 -15.14 17.38
CA HIS A 229 -4.40 -16.06 18.50
C HIS A 229 -4.48 -15.26 19.79
N HIS A 230 -4.75 -15.95 20.90
CA HIS A 230 -4.78 -15.31 22.22
C HIS A 230 -3.72 -15.90 23.16
N HIS B 18 -13.13 -4.92 16.12
CA HIS B 18 -13.22 -5.07 14.63
C HIS B 18 -14.27 -4.12 14.03
N VAL B 19 -13.91 -3.50 12.91
CA VAL B 19 -14.83 -2.70 12.14
C VAL B 19 -15.95 -3.58 11.60
N SER B 20 -17.19 -3.13 11.84
CA SER B 20 -18.37 -3.82 11.37
C SER B 20 -19.44 -2.84 10.92
N PHE B 21 -20.36 -3.32 10.10
CA PHE B 21 -21.39 -2.46 9.57
C PHE B 21 -22.69 -3.20 9.71
N LYS B 22 -23.78 -2.45 9.79
CA LYS B 22 -25.09 -3.03 10.05
C LYS B 22 -25.95 -3.20 8.81
N ARG B 23 -25.66 -2.43 7.76
CA ARG B 23 -26.42 -2.51 6.50
C ARG B 23 -25.53 -2.46 5.24
N PRO B 24 -24.60 -3.42 5.10
CA PRO B 24 -23.73 -3.39 3.92
C PRO B 24 -24.44 -3.75 2.60
N ALA B 25 -23.92 -3.20 1.50
CA ALA B 25 -24.32 -3.53 0.15
C ALA B 25 -23.11 -4.01 -0.64
N TRP B 26 -23.29 -5.13 -1.33
CA TRP B 26 -22.24 -5.79 -2.10
C TRP B 26 -22.60 -5.79 -3.58
N LEU B 27 -21.86 -5.02 -4.37
CA LEU B 27 -22.10 -4.93 -5.81
C LEU B 27 -21.01 -5.74 -6.51
N GLY B 28 -21.41 -6.72 -7.30
CA GLY B 28 -20.41 -7.59 -7.93
C GLY B 28 -20.90 -8.56 -8.99
N ASP B 29 -20.11 -9.61 -9.20
CA ASP B 29 -20.41 -10.61 -10.24
C ASP B 29 -20.81 -11.98 -9.65
N SER B 30 -20.37 -13.06 -10.30
CA SER B 30 -20.68 -14.43 -9.85
C SER B 30 -20.03 -14.81 -8.52
N ILE B 31 -19.02 -14.04 -8.11
CA ILE B 31 -18.36 -14.30 -6.82
C ILE B 31 -19.18 -13.73 -5.66
N THR B 32 -20.08 -12.80 -5.98
CA THR B 32 -20.95 -12.20 -5.00
C THR B 32 -22.36 -12.80 -5.08
N ALA B 33 -22.86 -12.97 -6.31
CA ALA B 33 -24.17 -13.57 -6.59
C ALA B 33 -24.42 -14.87 -5.85
N ASN B 34 -25.65 -15.05 -5.36
CA ASN B 34 -26.05 -16.31 -4.72
C ASN B 34 -26.43 -17.41 -5.73
N ASN B 35 -26.39 -17.06 -7.02
CA ASN B 35 -26.38 -18.00 -8.14
C ASN B 35 -25.21 -19.00 -8.04
N GLY B 36 -24.10 -18.51 -7.49
CA GLY B 36 -22.77 -19.15 -7.62
C GLY B 36 -22.62 -20.56 -7.08
N LEU B 37 -21.49 -21.19 -7.44
CA LEU B 37 -21.21 -22.60 -7.10
C LEU B 37 -20.65 -22.77 -5.69
N ALA B 38 -20.56 -21.65 -4.96
CA ALA B 38 -20.11 -21.66 -3.58
C ALA B 38 -21.29 -21.43 -2.65
N THR B 39 -21.44 -22.31 -1.66
CA THR B 39 -22.56 -22.23 -0.74
C THR B 39 -22.45 -21.09 0.29
N VAL B 40 -21.24 -20.84 0.79
CA VAL B 40 -21.02 -19.78 1.78
C VAL B 40 -20.03 -18.73 1.22
N HIS B 41 -20.56 -17.60 0.76
CA HIS B 41 -19.71 -16.53 0.24
C HIS B 41 -19.06 -15.69 1.34
N TYR B 42 -18.07 -14.89 0.94
CA TYR B 42 -17.37 -13.98 1.84
C TYR B 42 -18.31 -13.05 2.63
N HIS B 43 -19.29 -12.46 1.95
CA HIS B 43 -20.25 -11.57 2.60
C HIS B 43 -21.22 -12.30 3.53
N ASP B 44 -21.46 -13.60 3.30
CA ASP B 44 -22.30 -14.40 4.19
C ASP B 44 -21.60 -14.58 5.51
N ILE B 45 -20.28 -14.79 5.44
CA ILE B 45 -19.45 -14.93 6.63
C ILE B 45 -19.45 -13.62 7.39
N LEU B 46 -19.26 -12.50 6.67
CA LEU B 46 -19.16 -11.20 7.30
C LEU B 46 -20.49 -10.72 7.86
N ALA B 47 -21.57 -10.93 7.12
CA ALA B 47 -22.91 -10.58 7.63
C ALA B 47 -23.15 -11.28 8.97
N ALA B 48 -22.74 -12.55 9.07
CA ALA B 48 -22.90 -13.33 10.31
C ALA B 48 -22.04 -12.80 11.47
N ASP B 49 -20.79 -12.44 11.18
CA ASP B 49 -19.91 -11.74 12.16
C ASP B 49 -20.43 -10.35 12.57
N TRP B 50 -20.97 -9.60 11.63
CA TRP B 50 -21.33 -8.21 11.88
C TRP B 50 -22.69 -8.05 12.56
N ASP B 51 -23.50 -9.10 12.56
CA ASP B 51 -24.84 -9.11 13.12
C ASP B 51 -25.72 -8.08 12.41
N VAL B 52 -25.84 -8.23 11.08
CA VAL B 52 -26.40 -7.17 10.25
C VAL B 52 -27.93 -7.05 10.35
N GLU B 53 -28.44 -5.85 10.07
CA GLU B 53 -29.90 -5.64 9.91
C GLU B 53 -30.34 -6.15 8.53
N ARG B 54 -29.44 -6.05 7.57
CA ARG B 54 -29.66 -6.47 6.20
C ARG B 54 -28.29 -6.49 5.54
N SER B 55 -28.17 -7.21 4.43
CA SER B 55 -26.90 -7.35 3.72
C SER B 55 -27.24 -7.57 2.27
N ASP B 56 -27.12 -6.50 1.50
CA ASP B 56 -27.68 -6.50 0.18
C ASP B 56 -26.73 -7.08 -0.87
N ASN B 57 -27.15 -8.24 -1.37
CA ASN B 57 -26.43 -8.98 -2.38
C ASN B 57 -26.87 -8.51 -3.75
N LEU B 58 -26.03 -7.68 -4.40
CA LEU B 58 -26.30 -7.21 -5.76
C LEU B 58 -25.31 -7.82 -6.74
N GLY B 59 -25.02 -9.11 -6.55
CA GLY B 59 -24.19 -9.83 -7.48
C GLY B 59 -25.06 -10.33 -8.62
N ILE B 60 -24.54 -10.21 -9.83
CA ILE B 60 -25.17 -10.81 -10.99
C ILE B 60 -24.08 -11.57 -11.72
N SER B 61 -24.36 -12.83 -12.01
CA SER B 61 -23.41 -13.75 -12.61
C SER B 61 -23.01 -13.32 -14.02
N GLY B 62 -21.70 -13.34 -14.30
CA GLY B 62 -21.18 -12.93 -15.60
C GLY B 62 -21.17 -11.43 -15.84
N SER B 63 -21.48 -10.65 -14.80
CA SER B 63 -21.64 -9.20 -14.91
C SER B 63 -20.32 -8.45 -15.05
N THR B 64 -20.32 -7.38 -15.82
CA THR B 64 -19.14 -6.55 -16.02
C THR B 64 -19.37 -5.17 -15.42
N ILE B 65 -18.30 -4.46 -15.15
CA ILE B 65 -18.39 -3.09 -14.72
C ILE B 65 -18.82 -2.25 -15.92
N GLY B 66 -18.20 -2.56 -17.07
CA GLY B 66 -18.51 -1.89 -18.33
C GLY B 66 -19.79 -2.39 -18.99
N SER B 67 -20.06 -1.80 -20.16
CA SER B 67 -21.33 -1.90 -20.89
C SER B 67 -21.79 -3.27 -21.33
N ARG B 68 -20.84 -4.21 -21.45
CA ARG B 68 -21.10 -5.47 -22.13
C ARG B 68 -22.19 -6.35 -21.49
N TYR B 69 -22.08 -6.63 -20.20
CA TYR B 69 -23.04 -7.52 -19.54
C TYR B 69 -23.51 -6.99 -18.19
N ASP B 70 -24.78 -6.54 -18.12
CA ASP B 70 -25.38 -5.97 -16.90
C ASP B 70 -24.40 -5.01 -16.19
N ALA B 71 -24.08 -3.91 -16.84
CA ALA B 71 -23.08 -2.97 -16.38
C ALA B 71 -23.31 -2.48 -14.94
N MSE B 72 -22.35 -2.76 -14.06
CA MSE B 72 -22.40 -2.24 -12.69
C MSE B 72 -22.38 -0.72 -12.71
O MSE B 72 -22.93 -0.09 -11.80
CB MSE B 72 -21.25 -2.75 -11.84
CG MSE B 72 -21.32 -4.22 -11.52
SE MSE B 72 -19.75 -4.81 -10.49
CE MSE B 72 -19.42 -6.49 -11.45
N ALA B 73 -21.74 -0.14 -13.73
CA ALA B 73 -21.71 1.31 -13.88
C ALA B 73 -23.10 1.91 -14.10
N VAL B 74 -24.09 1.04 -14.29
CA VAL B 74 -25.49 1.42 -14.39
C VAL B 74 -26.30 0.85 -13.22
N ARG B 75 -25.98 -0.39 -12.85
CA ARG B 75 -26.72 -1.13 -11.82
C ARG B 75 -26.53 -0.60 -10.40
N TYR B 76 -25.45 0.16 -10.16
CA TYR B 76 -25.11 0.65 -8.82
C TYR B 76 -26.28 1.45 -8.23
N GLN B 77 -27.18 1.88 -9.09
CA GLN B 77 -28.35 2.64 -8.66
C GLN B 77 -29.37 1.78 -7.86
N ALA B 78 -29.28 0.46 -8.00
CA ALA B 78 -30.08 -0.43 -7.16
C ALA B 78 -29.62 -0.48 -5.70
N ILE B 79 -28.45 0.10 -5.38
CA ILE B 79 -27.93 0.10 -4.00
C ILE B 79 -28.94 0.86 -3.13
N PRO B 80 -29.32 0.30 -1.96
CA PRO B 80 -30.24 1.02 -1.05
C PRO B 80 -29.68 2.36 -0.56
N GLU B 81 -30.56 3.36 -0.53
CA GLU B 81 -30.29 4.71 -0.05
C GLU B 81 -29.63 4.71 1.34
N ASP B 82 -30.06 3.79 2.19
CA ASP B 82 -29.63 3.75 3.59
C ASP B 82 -28.43 2.81 3.88
N ALA B 83 -27.77 2.32 2.83
CA ALA B 83 -26.55 1.52 2.99
C ALA B 83 -25.55 2.20 3.91
N ASP B 84 -24.98 1.45 4.85
CA ASP B 84 -23.95 2.03 5.70
C ASP B 84 -22.53 1.58 5.31
N PHE B 85 -22.42 0.84 4.21
CA PHE B 85 -21.14 0.37 3.66
C PHE B 85 -21.36 -0.18 2.26
N ILE B 86 -20.46 0.12 1.33
CA ILE B 86 -20.60 -0.36 -0.03
C ILE B 86 -19.29 -0.98 -0.52
N ALA B 87 -19.35 -2.24 -0.94
CA ALA B 87 -18.21 -2.87 -1.58
C ALA B 87 -18.53 -3.17 -3.05
N VAL B 88 -17.60 -2.83 -3.91
CA VAL B 88 -17.71 -3.20 -5.31
C VAL B 88 -16.65 -4.27 -5.55
N PHE B 89 -17.10 -5.44 -6.00
CA PHE B 89 -16.22 -6.55 -6.26
C PHE B 89 -16.35 -7.01 -7.72
N GLY B 90 -15.66 -6.30 -8.61
CA GLY B 90 -15.80 -6.53 -10.04
C GLY B 90 -14.50 -6.43 -10.82
N GLY B 91 -14.59 -6.62 -12.14
CA GLY B 91 -13.43 -6.54 -13.02
C GLY B 91 -13.04 -7.85 -13.69
N VAL B 92 -13.20 -8.97 -12.98
CA VAL B 92 -12.81 -10.28 -13.50
C VAL B 92 -13.54 -10.62 -14.81
N ASN B 93 -14.82 -10.27 -14.90
CA ASN B 93 -15.56 -10.50 -16.16
C ASN B 93 -15.19 -9.53 -17.25
N ASP B 94 -14.85 -8.29 -16.86
CA ASP B 94 -14.30 -7.33 -17.79
C ASP B 94 -13.02 -7.88 -18.46
N TYR B 95 -12.12 -8.46 -17.65
CA TYR B 95 -10.94 -9.12 -18.20
C TYR B 95 -11.32 -10.32 -19.06
N GLY B 96 -12.00 -11.28 -18.45
CA GLY B 96 -12.28 -12.57 -19.06
C GLY B 96 -13.30 -12.60 -20.19
N ARG B 97 -14.10 -11.55 -20.31
CA ARG B 97 -15.12 -11.49 -21.38
C ARG B 97 -14.80 -10.35 -22.35
N ASP B 98 -13.55 -9.88 -22.31
CA ASP B 98 -13.00 -8.98 -23.32
C ASP B 98 -13.69 -7.62 -23.43
N GLN B 99 -13.92 -6.99 -22.29
CA GLN B 99 -14.36 -5.61 -22.28
C GLN B 99 -13.14 -4.75 -22.63
N PRO B 100 -13.28 -3.85 -23.62
CA PRO B 100 -12.20 -2.92 -23.97
C PRO B 100 -11.67 -2.21 -22.74
N LEU B 101 -10.37 -2.20 -22.55
CA LEU B 101 -9.75 -1.62 -21.37
C LEU B 101 -9.89 -0.09 -21.38
N GLY B 102 -9.69 0.49 -22.56
CA GLY B 102 -9.58 1.93 -22.71
C GLY B 102 -8.31 2.50 -22.08
N GLN B 103 -8.35 3.79 -21.82
CA GLN B 103 -7.21 4.51 -21.25
C GLN B 103 -7.66 5.44 -20.16
N TYR B 104 -6.71 5.82 -19.32
CA TYR B 104 -6.92 6.79 -18.27
C TYR B 104 -7.46 8.12 -18.80
N GLY B 105 -8.68 8.46 -18.38
CA GLY B 105 -9.34 9.68 -18.85
C GLY B 105 -10.56 9.43 -19.73
N ASP B 106 -10.84 8.16 -20.04
CA ASP B 106 -12.03 7.79 -20.80
C ASP B 106 -13.30 8.01 -19.99
N CYS B 107 -14.44 8.14 -20.69
CA CYS B 107 -15.70 8.55 -20.07
C CYS B 107 -16.95 7.75 -20.43
N ASP B 108 -16.83 6.85 -21.39
CA ASP B 108 -17.95 6.00 -21.76
C ASP B 108 -17.89 4.70 -20.98
N MSE B 109 -19.04 4.08 -20.83
CA MSE B 109 -19.16 2.72 -20.32
C MSE B 109 -18.60 1.64 -21.25
O MSE B 109 -18.41 0.48 -20.82
CB MSE B 109 -20.62 2.42 -20.14
CG MSE B 109 -21.08 2.34 -18.74
SE MSE B 109 -22.75 1.42 -18.92
CE MSE B 109 -23.72 2.76 -20.01
N THR B 110 -18.35 2.02 -22.51
CA THR B 110 -17.79 1.10 -23.52
C THR B 110 -16.37 0.68 -23.18
N THR B 111 -15.69 1.46 -22.36
CA THR B 111 -14.37 1.06 -21.88
C THR B 111 -14.35 0.84 -20.37
N PHE B 112 -13.40 0.04 -19.91
CA PHE B 112 -13.25 -0.29 -18.50
C PHE B 112 -12.91 0.95 -17.67
N TYR B 113 -11.95 1.76 -18.15
CA TYR B 113 -11.59 3.02 -17.48
C TYR B 113 -12.76 3.98 -17.35
N GLY B 114 -13.54 4.11 -18.43
CA GLY B 114 -14.70 4.98 -18.46
C GLY B 114 -15.87 4.49 -17.59
N ALA B 115 -16.07 3.17 -17.54
CA ALA B 115 -17.12 2.62 -16.70
C ALA B 115 -16.79 2.81 -15.22
N LEU B 116 -15.52 2.59 -14.86
CA LEU B 116 -15.02 2.87 -13.51
C LEU B 116 -15.26 4.32 -13.10
N MSE B 117 -14.98 5.25 -14.00
CA MSE B 117 -15.21 6.67 -13.76
C MSE B 117 -16.69 6.99 -13.50
O MSE B 117 -17.01 7.76 -12.59
CB MSE B 117 -14.70 7.48 -14.94
CG MSE B 117 -15.06 8.94 -14.86
SE MSE B 117 -13.81 10.04 -15.84
CE MSE B 117 -12.46 10.28 -14.42
N MSE B 118 -17.57 6.40 -14.30
CA MSE B 118 -19.01 6.55 -14.12
C MSE B 118 -19.48 5.99 -12.77
O MSE B 118 -20.24 6.64 -12.07
CB MSE B 118 -19.76 5.86 -15.26
CG MSE B 118 -20.03 6.75 -16.46
SE MSE B 118 -21.05 5.77 -17.84
CE MSE B 118 -22.67 5.28 -16.83
N LEU B 119 -19.03 4.78 -12.46
CA LEU B 119 -19.36 4.10 -11.21
C LEU B 119 -18.92 4.94 -10.00
N LEU B 120 -17.66 5.39 -10.01
CA LEU B 120 -17.09 6.14 -8.89
C LEU B 120 -17.75 7.50 -8.66
N THR B 121 -18.00 8.24 -9.75
CA THR B 121 -18.75 9.48 -9.67
C THR B 121 -20.12 9.20 -9.06
N GLY B 122 -20.81 8.20 -9.59
CA GLY B 122 -22.11 7.79 -9.04
C GLY B 122 -22.09 7.49 -7.55
N LEU B 123 -21.15 6.65 -7.11
CA LEU B 123 -21.11 6.24 -5.71
C LEU B 123 -20.82 7.41 -4.79
N GLN B 124 -19.89 8.27 -5.17
CA GLN B 124 -19.48 9.36 -4.29
C GLN B 124 -20.52 10.49 -4.27
N THR B 125 -21.19 10.70 -5.40
CA THR B 125 -22.29 11.66 -5.51
C THR B 125 -23.49 11.27 -4.63
N ASN B 126 -23.88 10.01 -4.69
CA ASN B 126 -25.11 9.56 -4.03
C ASN B 126 -24.93 9.08 -2.58
N TRP B 127 -23.78 8.50 -2.25
CA TRP B 127 -23.49 8.03 -0.89
C TRP B 127 -22.25 8.72 -0.31
N PRO B 128 -22.30 10.06 -0.21
CA PRO B 128 -21.09 10.82 0.10
C PRO B 128 -20.47 10.51 1.46
N THR B 129 -21.29 10.12 2.43
CA THR B 129 -20.80 9.93 3.81
C THR B 129 -20.58 8.45 4.15
N VAL B 130 -20.75 7.57 3.15
CA VAL B 130 -20.74 6.15 3.38
C VAL B 130 -19.37 5.55 3.10
N PRO B 131 -18.84 4.72 4.03
CA PRO B 131 -17.56 4.06 3.77
C PRO B 131 -17.75 3.09 2.59
N LYS B 132 -16.72 2.95 1.77
CA LYS B 132 -16.83 2.09 0.61
C LYS B 132 -15.46 1.67 0.14
N LEU B 133 -15.40 0.53 -0.55
CA LEU B 133 -14.14 0.05 -1.11
C LEU B 133 -14.33 -0.82 -2.33
N PHE B 134 -13.30 -0.84 -3.16
CA PHE B 134 -13.27 -1.73 -4.31
C PHE B 134 -12.43 -2.94 -3.95
N ILE B 135 -12.90 -4.10 -4.35
CA ILE B 135 -12.15 -5.35 -4.19
C ILE B 135 -11.83 -5.88 -5.58
N SER B 136 -10.55 -6.19 -5.78
CA SER B 136 -10.03 -6.76 -7.02
C SER B 136 -9.83 -8.28 -6.94
N ALA B 137 -10.19 -8.98 -8.02
CA ALA B 137 -10.15 -10.45 -8.02
C ALA B 137 -8.77 -11.09 -7.92
N ILE B 138 -8.78 -12.32 -7.41
CA ILE B 138 -7.62 -13.21 -7.37
C ILE B 138 -7.12 -13.50 -8.80
N HIS B 139 -5.81 -13.74 -8.96
CA HIS B 139 -5.25 -14.12 -10.26
C HIS B 139 -5.92 -15.41 -10.70
N ILE B 140 -6.55 -15.39 -11.86
CA ILE B 140 -7.27 -16.57 -12.33
C ILE B 140 -6.39 -17.54 -13.12
N GLY B 141 -6.80 -18.81 -13.15
CA GLY B 141 -6.19 -19.82 -14.02
C GLY B 141 -6.85 -19.85 -15.40
N SER B 142 -6.64 -20.93 -16.15
CA SER B 142 -7.13 -21.00 -17.54
C SER B 142 -8.16 -22.10 -17.82
N ASP B 143 -8.60 -22.82 -16.78
CA ASP B 143 -9.46 -23.98 -17.00
C ASP B 143 -10.93 -23.65 -17.13
N PHE B 144 -11.30 -22.38 -16.95
CA PHE B 144 -12.72 -22.05 -17.09
C PHE B 144 -13.16 -22.05 -18.55
N GLY B 145 -12.46 -21.29 -19.40
CA GLY B 145 -12.80 -21.24 -20.81
C GLY B 145 -12.78 -19.83 -21.37
N GLY B 146 -13.08 -19.72 -22.66
CA GLY B 146 -13.08 -18.43 -23.35
C GLY B 146 -11.77 -17.68 -23.16
N SER B 147 -11.89 -16.37 -22.88
CA SER B 147 -10.74 -15.51 -22.62
C SER B 147 -10.33 -15.46 -21.14
N PHE B 148 -10.95 -16.30 -20.31
CA PHE B 148 -10.54 -16.42 -18.90
C PHE B 148 -9.21 -17.17 -18.83
N SER B 149 -8.12 -16.44 -19.06
CA SER B 149 -6.81 -17.02 -19.19
C SER B 149 -5.91 -16.57 -18.05
N ALA B 150 -4.89 -17.37 -17.75
CA ALA B 150 -3.87 -17.03 -16.76
C ALA B 150 -2.83 -16.09 -17.37
N VAL B 151 -2.88 -15.95 -18.70
CA VAL B 151 -1.90 -15.16 -19.44
C VAL B 151 -2.53 -13.85 -19.89
N THR B 152 -3.33 -13.89 -20.96
CA THR B 152 -3.96 -12.69 -21.53
C THR B 152 -5.36 -12.97 -22.06
N ASN B 153 -6.19 -11.93 -22.15
CA ASN B 153 -7.52 -12.07 -22.72
C ASN B 153 -7.55 -11.97 -24.25
N GLY B 154 -8.74 -12.10 -24.83
CA GLY B 154 -8.90 -12.08 -26.28
C GLY B 154 -8.36 -10.85 -26.95
N LEU B 155 -8.11 -9.81 -26.17
CA LEU B 155 -7.68 -8.51 -26.67
C LEU B 155 -6.20 -8.24 -26.47
N GLY B 156 -5.47 -9.19 -25.88
CA GLY B 156 -4.05 -9.04 -25.61
C GLY B 156 -3.67 -8.43 -24.26
N TYR B 157 -4.66 -8.23 -23.38
CA TYR B 157 -4.41 -7.64 -22.06
C TYR B 157 -4.21 -8.68 -20.99
N ARG B 158 -3.36 -8.35 -20.02
CA ARG B 158 -3.20 -9.16 -18.83
C ARG B 158 -4.27 -8.76 -17.81
N GLN B 159 -4.58 -9.66 -16.88
CA GLN B 159 -5.50 -9.37 -15.78
C GLN B 159 -5.01 -8.17 -14.98
N SER B 160 -3.69 -8.06 -14.81
CA SER B 160 -3.09 -6.95 -14.06
C SER B 160 -3.28 -5.58 -14.71
N ASP B 161 -3.58 -5.53 -16.02
CA ASP B 161 -3.90 -4.25 -16.67
C ASP B 161 -5.23 -3.70 -16.16
N TYR B 162 -6.21 -4.59 -15.97
CA TYR B 162 -7.51 -4.24 -15.40
C TYR B 162 -7.35 -3.89 -13.92
N GLU B 163 -6.56 -4.68 -13.22
CA GLU B 163 -6.21 -4.41 -11.83
C GLU B 163 -5.54 -3.04 -11.65
N ALA B 164 -4.62 -2.70 -12.54
CA ALA B 164 -3.98 -1.39 -12.54
C ALA B 164 -4.98 -0.24 -12.85
N ALA B 165 -5.98 -0.54 -13.69
CA ALA B 165 -7.05 0.44 -13.96
C ALA B 165 -7.86 0.74 -12.68
N ILE B 166 -8.24 -0.31 -11.95
CA ILE B 166 -8.95 -0.16 -10.68
C ILE B 166 -8.13 0.67 -9.67
N ALA B 167 -6.85 0.34 -9.54
CA ALA B 167 -5.94 1.06 -8.66
C ALA B 167 -5.95 2.56 -8.94
N GLN B 168 -5.72 2.94 -10.21
CA GLN B 168 -5.67 4.34 -10.61
C GLN B 168 -6.99 5.09 -10.42
N MSE B 169 -8.08 4.48 -10.85
CA MSE B 169 -9.37 5.15 -10.82
C MSE B 169 -9.88 5.34 -9.40
O MSE B 169 -10.36 6.41 -9.06
CB MSE B 169 -10.40 4.39 -11.66
CG MSE B 169 -10.18 4.49 -13.17
SE MSE B 169 -9.99 6.33 -13.81
CE MSE B 169 -11.72 7.03 -13.28
N THR B 170 -9.77 4.29 -8.58
CA THR B 170 -10.24 4.40 -7.21
C THR B 170 -9.51 5.54 -6.53
N ALA B 171 -8.20 5.66 -6.81
CA ALA B 171 -7.37 6.65 -6.14
C ALA B 171 -7.86 8.07 -6.38
N ASP B 172 -8.25 8.37 -7.62
CA ASP B 172 -8.75 9.71 -7.96
C ASP B 172 -10.02 10.15 -7.22
N TYR B 173 -10.72 9.19 -6.63
CA TYR B 173 -11.92 9.49 -5.85
C TYR B 173 -11.72 9.20 -4.36
N GLY B 174 -10.49 8.90 -3.97
CA GLY B 174 -10.19 8.58 -2.58
C GLY B 174 -10.80 7.28 -2.04
N VAL B 175 -11.17 6.38 -2.93
CA VAL B 175 -11.80 5.12 -2.54
C VAL B 175 -10.73 4.04 -2.28
N PRO B 176 -10.66 3.52 -1.03
CA PRO B 176 -9.72 2.45 -0.72
C PRO B 176 -9.89 1.25 -1.67
N HIS B 177 -8.77 0.62 -2.01
CA HIS B 177 -8.79 -0.51 -2.93
C HIS B 177 -8.15 -1.74 -2.29
N LEU B 178 -8.93 -2.81 -2.16
CA LEU B 178 -8.40 -4.09 -1.70
C LEU B 178 -8.05 -5.00 -2.88
N SER B 179 -6.76 -5.17 -3.11
CA SER B 179 -6.29 -6.00 -4.21
C SER B 179 -6.06 -7.41 -3.72
N LEU B 180 -7.03 -8.29 -3.99
CA LEU B 180 -6.90 -9.70 -3.68
C LEU B 180 -5.88 -10.31 -4.61
N TYR B 181 -5.79 -9.76 -5.82
CA TYR B 181 -4.77 -10.12 -6.77
C TYR B 181 -3.39 -10.10 -6.10
N ARG B 182 -3.06 -8.98 -5.44
CA ARG B 182 -1.76 -8.75 -4.82
C ARG B 182 -1.56 -9.48 -3.50
N ASP B 183 -2.60 -9.49 -2.68
CA ASP B 183 -2.45 -9.68 -1.24
C ASP B 183 -3.15 -10.89 -0.62
N ALA B 184 -3.89 -11.65 -1.44
CA ALA B 184 -4.72 -12.76 -0.95
C ALA B 184 -3.93 -13.96 -0.43
N GLY B 185 -2.66 -14.04 -0.80
CA GLY B 185 -1.83 -15.18 -0.44
C GLY B 185 -1.93 -16.32 -1.45
N MSE B 186 -2.63 -16.08 -2.56
CA MSE B 186 -2.85 -17.14 -3.55
C MSE B 186 -3.08 -16.63 -4.95
O MSE B 186 -3.41 -15.45 -5.18
CB MSE B 186 -4.03 -18.04 -3.14
CG MSE B 186 -5.38 -17.36 -3.17
SE MSE B 186 -6.77 -18.35 -2.20
CE MSE B 186 -5.86 -18.54 -0.47
N THR B 187 -2.89 -17.55 -5.90
CA THR B 187 -3.22 -17.36 -7.29
C THR B 187 -3.79 -18.67 -7.82
N PHE B 188 -4.81 -18.58 -8.68
CA PHE B 188 -5.41 -19.76 -9.26
C PHE B 188 -4.68 -20.23 -10.52
N ALA B 189 -3.62 -19.51 -10.89
CA ALA B 189 -2.73 -19.91 -11.99
C ALA B 189 -1.77 -21.00 -11.54
N ILE B 190 -1.64 -21.17 -10.22
CA ILE B 190 -0.90 -22.28 -9.64
C ILE B 190 -1.90 -23.41 -9.29
N PRO B 191 -1.83 -24.56 -10.00
CA PRO B 191 -2.74 -25.71 -9.85
C PRO B 191 -2.90 -26.23 -8.42
N ALA B 192 -1.79 -26.27 -7.67
CA ALA B 192 -1.83 -26.65 -6.25
C ALA B 192 -2.78 -25.74 -5.46
N GLN B 193 -2.83 -24.45 -5.81
CA GLN B 193 -3.71 -23.51 -5.10
C GLN B 193 -5.09 -23.47 -5.70
N ALA B 194 -5.18 -23.68 -7.01
CA ALA B 194 -6.48 -23.79 -7.66
C ALA B 194 -7.28 -24.99 -7.15
N ALA B 195 -6.61 -26.11 -6.92
CA ALA B 195 -7.27 -27.35 -6.51
C ALA B 195 -7.87 -27.21 -5.11
N ILE B 196 -7.27 -26.36 -4.29
CA ILE B 196 -7.68 -26.17 -2.89
C ILE B 196 -8.71 -25.05 -2.70
N TYR B 197 -8.52 -23.95 -3.42
CA TYR B 197 -9.28 -22.73 -3.15
C TYR B 197 -10.31 -22.32 -4.19
N SER B 198 -10.30 -22.99 -5.34
CA SER B 198 -11.23 -22.65 -6.39
C SER B 198 -12.09 -23.83 -6.81
N VAL B 199 -13.21 -23.51 -7.42
CA VAL B 199 -14.08 -24.49 -8.04
C VAL B 199 -13.54 -24.88 -9.42
N ASP B 200 -12.99 -23.90 -10.14
CA ASP B 200 -12.71 -24.05 -11.57
C ASP B 200 -11.55 -23.18 -12.06
N THR B 201 -10.72 -22.69 -11.14
CA THR B 201 -9.62 -21.70 -11.40
C THR B 201 -10.14 -20.29 -11.67
N LEU B 202 -11.44 -20.09 -11.47
CA LEU B 202 -12.05 -18.77 -11.62
C LEU B 202 -12.81 -18.38 -10.36
N HIS B 203 -13.74 -19.24 -9.94
CA HIS B 203 -14.58 -18.98 -8.78
C HIS B 203 -13.95 -19.59 -7.54
N PRO B 204 -13.81 -18.80 -6.46
CA PRO B 204 -13.38 -19.37 -5.20
C PRO B 204 -14.42 -20.37 -4.69
N ASN B 205 -13.96 -21.45 -4.09
CA ASN B 205 -14.88 -22.34 -3.41
C ASN B 205 -15.10 -21.81 -1.97
N ASN B 206 -15.71 -22.61 -1.10
CA ASN B 206 -15.97 -22.20 0.27
C ASN B 206 -14.73 -21.86 1.11
N ALA B 207 -13.67 -22.65 0.98
CA ALA B 207 -12.37 -22.35 1.60
C ALA B 207 -11.78 -21.05 1.06
N GLY B 208 -11.94 -20.82 -0.24
CA GLY B 208 -11.52 -19.56 -0.85
C GLY B 208 -12.31 -18.35 -0.32
N HIS B 209 -13.63 -18.50 -0.16
CA HIS B 209 -14.43 -17.42 0.40
C HIS B 209 -14.09 -17.13 1.85
N ARG B 210 -13.73 -18.16 2.61
CA ARG B 210 -13.26 -17.96 3.98
C ARG B 210 -12.01 -17.08 4.00
N VAL B 211 -11.08 -17.33 3.08
CA VAL B 211 -9.87 -16.51 2.97
C VAL B 211 -10.22 -15.07 2.60
N ILE B 212 -11.04 -14.88 1.57
CA ILE B 212 -11.52 -13.55 1.20
C ILE B 212 -12.17 -12.80 2.38
N ALA B 213 -13.00 -13.47 3.18
CA ALA B 213 -13.63 -12.83 4.33
C ALA B 213 -12.61 -12.28 5.32
N ARG B 214 -11.56 -13.05 5.53
CA ARG B 214 -10.46 -12.65 6.41
C ARG B 214 -9.66 -11.43 5.93
N LYS B 215 -9.31 -11.44 4.65
CA LYS B 215 -8.58 -10.35 4.04
C LYS B 215 -9.40 -9.08 4.08
N LEU B 216 -10.69 -9.20 3.77
CA LEU B 216 -11.60 -8.04 3.80
C LEU B 216 -11.66 -7.51 5.21
N GLN B 217 -11.85 -8.40 6.18
CA GLN B 217 -11.91 -7.94 7.58
C GLN B 217 -10.60 -7.25 8.03
N SER B 218 -9.44 -7.80 7.66
CA SER B 218 -8.13 -7.23 7.98
C SER B 218 -8.01 -5.83 7.37
N PHE B 219 -8.27 -5.76 6.08
CA PHE B 219 -8.21 -4.51 5.32
C PHE B 219 -9.12 -3.44 5.94
N LEU B 220 -10.32 -3.84 6.33
CA LEU B 220 -11.25 -2.92 7.02
C LEU B 220 -10.70 -2.39 8.35
N ASP B 221 -10.02 -3.25 9.12
CA ASP B 221 -9.44 -2.86 10.41
C ASP B 221 -8.23 -1.90 10.29
N SER B 222 -7.52 -1.94 9.17
CA SER B 222 -6.35 -1.09 8.99
C SER B 222 -6.63 0.19 8.22
N HIS B 223 -7.82 0.31 7.64
CA HIS B 223 -8.17 1.50 6.88
C HIS B 223 -9.33 2.27 7.49
N PHE B 224 -9.98 1.70 8.49
CA PHE B 224 -11.13 2.33 9.09
C PHE B 224 -11.03 2.27 10.61
N LEU B 225 -11.62 3.25 11.29
CA LEU B 225 -11.65 3.25 12.74
C LEU B 225 -12.94 2.65 13.28
N GLU B 226 -12.94 2.39 14.58
CA GLU B 226 -14.15 2.11 15.35
C GLU B 226 -14.77 0.77 14.99
N HIS C 18 -4.18 1.89 20.97
CA HIS C 18 -4.06 3.10 20.09
C HIS C 18 -2.71 3.79 20.22
N VAL C 19 -2.07 4.03 19.09
CA VAL C 19 -0.81 4.78 19.08
C VAL C 19 -1.05 6.25 19.44
N SER C 20 -0.17 6.79 20.28
CA SER C 20 -0.20 8.18 20.66
C SER C 20 1.20 8.68 20.91
N PHE C 21 1.36 9.99 20.85
CA PHE C 21 2.64 10.65 20.99
C PHE C 21 2.49 11.84 21.92
N LYS C 22 3.54 12.20 22.63
CA LYS C 22 3.42 13.21 23.67
C LYS C 22 3.82 14.60 23.21
N ARG C 23 4.70 14.69 22.21
CA ARG C 23 5.19 16.00 21.72
C ARG C 23 5.20 16.07 20.18
N PRO C 24 4.04 15.97 19.55
CA PRO C 24 4.02 15.97 18.07
C PRO C 24 4.32 17.34 17.46
N ALA C 25 4.92 17.34 16.29
CA ALA C 25 5.14 18.58 15.56
C ALA C 25 4.43 18.45 14.22
N TRP C 26 3.72 19.49 13.84
CA TRP C 26 2.88 19.45 12.64
C TRP C 26 3.36 20.47 11.61
N LEU C 27 4.04 19.99 10.58
CA LEU C 27 4.58 20.86 9.55
C LEU C 27 3.59 20.96 8.40
N GLY C 28 3.11 22.16 8.07
CA GLY C 28 2.16 22.26 6.96
C GLY C 28 1.77 23.62 6.46
N ASP C 29 0.67 23.63 5.73
CA ASP C 29 0.13 24.82 5.13
C ASP C 29 -1.12 25.27 5.87
N SER C 30 -2.09 25.79 5.13
CA SER C 30 -3.34 26.36 5.65
C SER C 30 -4.20 25.33 6.40
N ILE C 31 -4.13 24.07 5.96
CA ILE C 31 -4.91 22.98 6.53
C ILE C 31 -4.40 22.64 7.95
N THR C 32 -3.20 23.11 8.28
CA THR C 32 -2.57 22.92 9.58
C THR C 32 -2.59 24.20 10.43
N ALA C 33 -2.35 25.35 9.80
CA ALA C 33 -2.25 26.65 10.48
C ALA C 33 -3.52 27.03 11.23
N ASN C 34 -3.36 27.55 12.45
CA ASN C 34 -4.49 27.89 13.33
C ASN C 34 -5.04 29.29 13.09
N ASN C 35 -5.38 29.58 11.84
CA ASN C 35 -5.54 30.95 11.41
C ASN C 35 -6.69 31.17 10.44
N GLY C 36 -7.67 30.26 10.41
CA GLY C 36 -8.70 30.43 9.38
C GLY C 36 -10.00 29.66 9.39
N LEU C 37 -10.28 29.08 8.23
CA LEU C 37 -11.62 28.72 7.82
C LEU C 37 -12.26 27.60 8.65
N ALA C 38 -11.43 26.68 9.12
CA ALA C 38 -11.90 25.64 10.03
C ALA C 38 -11.38 25.99 11.41
N THR C 39 -12.25 25.95 12.40
CA THR C 39 -11.87 26.29 13.76
C THR C 39 -11.16 25.15 14.47
N VAL C 40 -11.44 23.93 14.04
CA VAL C 40 -10.88 22.75 14.69
C VAL C 40 -10.13 21.94 13.64
N HIS C 41 -8.83 21.77 13.84
CA HIS C 41 -8.01 20.99 12.90
C HIS C 41 -7.79 19.58 13.38
N TYR C 42 -7.42 18.72 12.42
CA TYR C 42 -7.10 17.31 12.67
C TYR C 42 -6.11 17.15 13.81
N HIS C 43 -5.13 18.04 13.90
CA HIS C 43 -4.12 17.93 14.94
C HIS C 43 -4.64 18.37 16.30
N ASP C 44 -5.67 19.24 16.34
CA ASP C 44 -6.40 19.56 17.60
C ASP C 44 -7.14 18.33 18.14
N ILE C 45 -7.76 17.58 17.23
CA ILE C 45 -8.47 16.38 17.58
C ILE C 45 -7.54 15.34 18.19
N LEU C 46 -6.40 15.14 17.54
CA LEU C 46 -5.40 14.19 18.02
C LEU C 46 -4.64 14.65 19.27
N ALA C 47 -4.38 15.95 19.40
CA ALA C 47 -3.84 16.46 20.67
C ALA C 47 -4.74 16.10 21.87
N ALA C 48 -6.04 16.36 21.72
CA ALA C 48 -7.01 16.05 22.76
C ALA C 48 -7.04 14.53 23.07
N ASP C 49 -7.06 13.71 22.02
CA ASP C 49 -7.10 12.25 22.16
C ASP C 49 -5.84 11.67 22.80
N TRP C 50 -4.69 12.29 22.49
CA TRP C 50 -3.42 11.73 22.95
C TRP C 50 -3.00 12.32 24.29
N ASP C 51 -3.70 13.36 24.74
CA ASP C 51 -3.33 14.09 25.95
C ASP C 51 -1.86 14.55 25.88
N VAL C 52 -1.51 15.25 24.81
CA VAL C 52 -0.11 15.61 24.56
C VAL C 52 0.45 16.49 25.67
N GLU C 53 1.77 16.49 25.83
CA GLU C 53 2.43 17.46 26.69
C GLU C 53 2.47 18.81 25.99
N ARG C 54 2.67 18.77 24.67
CA ARG C 54 2.85 19.95 23.83
C ARG C 54 2.49 19.55 22.39
N SER C 55 1.89 20.47 21.64
CA SER C 55 1.57 20.23 20.23
C SER C 55 2.05 21.41 19.41
N ASP C 56 3.12 21.24 18.64
CA ASP C 56 3.74 22.35 17.93
C ASP C 56 3.13 22.47 16.53
N ASN C 57 2.47 23.61 16.29
CA ASN C 57 1.82 23.89 15.03
C ASN C 57 2.77 24.71 14.16
N LEU C 58 3.29 24.06 13.12
CA LEU C 58 4.18 24.74 12.18
C LEU C 58 3.50 24.88 10.82
N GLY C 59 2.21 25.21 10.86
CA GLY C 59 1.44 25.53 9.68
C GLY C 59 1.55 27.00 9.29
N ILE C 60 1.79 27.24 8.01
CA ILE C 60 1.76 28.59 7.46
C ILE C 60 0.89 28.57 6.21
N SER C 61 -0.06 29.49 6.20
CA SER C 61 -1.03 29.61 5.12
C SER C 61 -0.35 29.87 3.79
N GLY C 62 -0.73 29.12 2.76
CA GLY C 62 -0.18 29.33 1.43
C GLY C 62 1.19 28.69 1.19
N SER C 63 1.76 28.10 2.24
CA SER C 63 3.10 27.49 2.21
C SER C 63 3.19 26.32 1.25
N THR C 64 4.28 26.29 0.46
CA THR C 64 4.60 25.18 -0.43
C THR C 64 5.75 24.40 0.21
N ILE C 65 5.94 23.14 -0.18
CA ILE C 65 7.17 22.42 0.16
C ILE C 65 8.35 23.03 -0.63
N GLY C 66 8.10 23.38 -1.88
CA GLY C 66 9.10 24.03 -2.72
C GLY C 66 9.34 25.50 -2.46
N SER C 67 10.25 26.06 -3.24
CA SER C 67 10.78 27.42 -3.06
C SER C 67 9.77 28.57 -3.18
N ARG C 68 8.62 28.33 -3.79
CA ARG C 68 7.73 29.44 -4.10
C ARG C 68 7.17 30.22 -2.89
N TYR C 69 6.69 29.52 -1.87
CA TYR C 69 6.06 30.19 -0.72
C TYR C 69 6.44 29.54 0.61
N ASP C 70 7.18 30.27 1.43
CA ASP C 70 7.55 29.83 2.79
C ASP C 70 7.93 28.37 2.80
N ALA C 71 8.98 28.03 2.05
CA ALA C 71 9.32 26.64 1.76
C ALA C 71 9.41 25.76 3.01
N MSE C 72 8.61 24.69 3.04
CA MSE C 72 8.73 23.72 4.13
C MSE C 72 10.11 23.05 4.14
O MSE C 72 10.58 22.62 5.20
CB MSE C 72 7.62 22.70 4.07
CG MSE C 72 6.27 23.25 4.50
SE MSE C 72 4.85 21.90 4.30
CE MSE C 72 3.63 22.94 3.16
N ALA C 73 10.74 22.97 2.97
CA ALA C 73 12.07 22.38 2.82
C ALA C 73 13.14 23.22 3.52
N VAL C 74 12.76 24.41 3.97
CA VAL C 74 13.58 25.27 4.85
C VAL C 74 12.98 25.33 6.27
N ARG C 75 11.67 25.50 6.35
CA ARG C 75 10.98 25.70 7.63
C ARG C 75 10.97 24.49 8.57
N TYR C 76 11.33 23.29 8.07
CA TYR C 76 11.40 22.14 8.95
C TYR C 76 12.36 22.40 10.12
N GLN C 77 13.20 23.41 9.98
CA GLN C 77 14.25 23.68 10.94
C GLN C 77 13.73 24.33 12.22
N ALA C 78 12.49 24.82 12.18
CA ALA C 78 11.74 25.29 13.35
C ALA C 78 11.11 24.18 14.20
N ILE C 79 11.21 22.93 13.75
CA ILE C 79 10.74 21.80 14.56
C ILE C 79 11.58 21.66 15.85
N PRO C 80 10.91 21.59 17.04
CA PRO C 80 11.61 21.38 18.33
C PRO C 80 12.55 20.18 18.29
N GLU C 81 13.76 20.38 18.83
CA GLU C 81 14.77 19.31 19.00
C GLU C 81 14.15 18.05 19.59
N ASP C 82 13.19 18.24 20.49
CA ASP C 82 12.67 17.16 21.31
C ASP C 82 11.30 16.62 20.88
N ALA C 83 10.89 16.92 19.64
CA ALA C 83 9.67 16.35 19.08
C ALA C 83 9.74 14.83 19.14
N ASP C 84 8.65 14.17 19.53
CA ASP C 84 8.64 12.70 19.48
C ASP C 84 7.80 12.15 18.36
N PHE C 85 7.23 13.04 17.55
CA PHE C 85 6.50 12.66 16.33
C PHE C 85 6.50 13.86 15.41
N ILE C 86 6.72 13.64 14.11
CA ILE C 86 6.71 14.70 13.13
C ILE C 86 5.83 14.30 11.95
N ALA C 87 4.76 15.06 11.69
CA ALA C 87 4.00 14.84 10.47
C ALA C 87 4.20 16.02 9.53
N VAL C 88 4.33 15.72 8.24
CA VAL C 88 4.40 16.74 7.20
C VAL C 88 3.18 16.63 6.30
N PHE C 89 2.41 17.71 6.23
CA PHE C 89 1.20 17.75 5.45
C PHE C 89 1.35 18.90 4.44
N GLY C 90 1.82 18.57 3.25
CA GLY C 90 2.03 19.55 2.20
C GLY C 90 1.86 19.00 0.79
N GLY C 91 2.05 19.87 -0.20
CA GLY C 91 1.92 19.51 -1.58
C GLY C 91 0.77 20.18 -2.28
N VAL C 92 -0.31 20.47 -1.55
CA VAL C 92 -1.53 20.98 -2.19
C VAL C 92 -1.31 22.38 -2.75
N ASN C 93 -0.50 23.19 -2.06
CA ASN C 93 -0.09 24.47 -2.58
C ASN C 93 0.97 24.36 -3.68
N ASP C 94 1.84 23.37 -3.59
CA ASP C 94 2.78 23.15 -4.67
C ASP C 94 2.04 22.89 -5.98
N TYR C 95 0.94 22.14 -5.90
CA TYR C 95 0.07 21.92 -7.05
C TYR C 95 -0.70 23.18 -7.43
N GLY C 96 -1.40 23.77 -6.47
CA GLY C 96 -2.35 24.84 -6.74
C GLY C 96 -1.72 26.20 -6.94
N ARG C 97 -0.52 26.40 -6.41
CA ARG C 97 0.21 27.65 -6.64
C ARG C 97 1.37 27.45 -7.65
N ASP C 98 1.33 26.35 -8.41
CA ASP C 98 2.23 26.19 -9.56
C ASP C 98 3.73 26.11 -9.23
N GLN C 99 4.11 25.33 -8.21
CA GLN C 99 5.51 24.91 -8.07
C GLN C 99 5.88 23.97 -9.22
N PRO C 100 6.97 24.30 -9.95
CA PRO C 100 7.45 23.38 -10.98
C PRO C 100 7.68 22.01 -10.36
N LEU C 101 7.09 20.98 -10.97
CA LEU C 101 7.18 19.62 -10.49
C LEU C 101 8.64 19.10 -10.55
N GLY C 102 9.28 19.30 -11.70
CA GLY C 102 10.62 18.77 -11.94
C GLY C 102 10.56 17.28 -12.22
N GLN C 103 11.64 16.58 -11.92
CA GLN C 103 11.64 15.12 -12.06
C GLN C 103 12.55 14.44 -11.04
N TYR C 104 12.34 13.14 -10.93
CA TYR C 104 13.10 12.28 -10.04
C TYR C 104 14.58 12.42 -10.29
N GLY C 105 15.30 12.87 -9.26
CA GLY C 105 16.74 13.07 -9.36
C GLY C 105 17.16 14.52 -9.24
N ASP C 106 16.16 15.42 -9.19
CA ASP C 106 16.41 16.81 -8.83
C ASP C 106 16.87 16.84 -7.38
N CYS C 107 17.80 17.74 -7.07
CA CYS C 107 18.27 17.92 -5.68
C CYS C 107 18.28 19.39 -5.26
N ASP C 108 17.37 20.14 -5.88
CA ASP C 108 17.31 21.57 -5.75
C ASP C 108 15.85 21.97 -5.46
N MSE C 109 15.67 22.87 -4.49
CA MSE C 109 14.37 23.22 -3.93
C MSE C 109 13.41 23.97 -4.87
O MSE C 109 12.24 24.15 -4.55
CB MSE C 109 14.61 24.04 -2.68
CG MSE C 109 13.40 24.39 -1.89
SE MSE C 109 13.95 25.50 -0.39
CE MSE C 109 15.40 24.34 0.29
N THR C 110 13.91 24.42 -6.02
CA THR C 110 13.09 25.12 -7.00
C THR C 110 12.12 24.18 -7.73
N THR C 111 12.35 22.89 -7.61
CA THR C 111 11.36 21.90 -8.05
C THR C 111 10.78 21.09 -6.88
N PHE C 112 9.58 20.58 -7.09
CA PHE C 112 8.89 19.78 -6.06
C PHE C 112 9.69 18.52 -5.72
N TYR C 113 10.21 17.84 -6.74
CA TYR C 113 11.05 16.66 -6.49
C TYR C 113 12.28 16.97 -5.66
N GLY C 114 13.00 18.03 -6.04
CA GLY C 114 14.18 18.46 -5.30
C GLY C 114 13.89 18.96 -3.90
N ALA C 115 12.80 19.72 -3.76
CA ALA C 115 12.36 20.20 -2.45
C ALA C 115 12.05 19.08 -1.49
N LEU C 116 11.33 18.06 -1.98
CA LEU C 116 11.05 16.85 -1.23
C LEU C 116 12.34 16.18 -0.72
N MSE C 117 13.32 16.12 -1.58
CA MSE C 117 14.64 15.58 -1.25
C MSE C 117 15.35 16.40 -0.15
O MSE C 117 15.88 15.81 0.79
CB MSE C 117 15.49 15.53 -2.50
CG MSE C 117 16.65 14.59 -2.38
SE MSE C 117 18.26 15.55 -2.86
CE MSE C 117 18.70 16.36 -1.13
N MSE C 118 15.38 17.72 -0.27
CA MSE C 118 15.95 18.58 0.76
C MSE C 118 15.23 18.35 2.10
O MSE C 118 15.88 18.19 3.14
CB MSE C 118 15.85 20.05 0.37
CG MSE C 118 16.63 20.44 -0.87
SE MSE C 118 18.54 20.07 -0.61
CE MSE C 118 18.94 21.48 0.71
N LEU C 119 13.91 18.30 2.06
CA LEU C 119 13.11 18.17 3.27
C LEU C 119 13.34 16.83 3.97
N LEU C 120 13.19 15.75 3.23
CA LEU C 120 13.32 14.40 3.79
C LEU C 120 14.74 14.15 4.29
N THR C 121 15.73 14.71 3.59
CA THR C 121 17.12 14.66 4.04
C THR C 121 17.32 15.33 5.40
N GLY C 122 16.77 16.54 5.53
CA GLY C 122 16.84 17.31 6.77
C GLY C 122 16.13 16.63 7.93
N LEU C 123 15.04 15.93 7.63
CA LEU C 123 14.26 15.26 8.68
C LEU C 123 14.99 14.07 9.27
N GLN C 124 15.61 13.29 8.39
CA GLN C 124 16.25 12.04 8.81
C GLN C 124 17.60 12.32 9.41
N THR C 125 18.24 13.42 9.00
CA THR C 125 19.51 13.84 9.58
C THR C 125 19.33 14.27 11.03
N ASN C 126 18.34 15.13 11.26
CA ASN C 126 18.21 15.87 12.51
C ASN C 126 17.29 15.18 13.54
N TRP C 127 16.42 14.30 13.06
CA TRP C 127 15.59 13.50 13.96
C TRP C 127 15.67 12.02 13.53
N PRO C 128 16.88 11.42 13.56
CA PRO C 128 17.04 10.03 13.08
C PRO C 128 16.16 8.99 13.77
N THR C 129 15.81 9.22 15.03
CA THR C 129 15.07 8.22 15.81
C THR C 129 13.57 8.51 15.97
N VAL C 130 13.08 9.59 15.36
CA VAL C 130 11.74 10.09 15.60
C VAL C 130 10.76 9.58 14.52
N PRO C 131 9.70 8.88 14.95
CA PRO C 131 8.67 8.45 14.03
C PRO C 131 8.09 9.64 13.27
N LYS C 132 7.96 9.50 11.98
CA LYS C 132 7.45 10.58 11.18
C LYS C 132 6.68 10.04 10.02
N LEU C 133 5.81 10.87 9.47
CA LEU C 133 5.06 10.47 8.32
C LEU C 133 4.68 11.66 7.46
N PHE C 134 4.57 11.40 6.17
N PHE C 134 4.59 11.42 6.16
CA PHE C 134 4.09 12.38 5.22
CA PHE C 134 4.11 12.40 5.23
C PHE C 134 2.62 12.14 4.92
C PHE C 134 2.62 12.14 4.97
N ILE C 135 1.84 13.22 4.96
CA ILE C 135 0.42 13.15 4.63
C ILE C 135 0.17 13.90 3.32
N SER C 136 -0.42 13.19 2.35
CA SER C 136 -0.85 13.75 1.07
C SER C 136 -2.29 14.23 1.12
N ALA C 137 -2.55 15.39 0.53
CA ALA C 137 -3.86 16.03 0.62
C ALA C 137 -5.00 15.40 -0.21
N ILE C 138 -6.22 15.68 0.20
CA ILE C 138 -7.43 15.28 -0.53
C ILE C 138 -7.45 15.84 -1.97
N HIS C 139 -8.04 15.12 -2.91
CA HIS C 139 -8.26 15.65 -4.24
C HIS C 139 -9.16 16.90 -4.11
N ILE C 140 -8.68 18.04 -4.62
CA ILE C 140 -9.43 19.28 -4.49
C ILE C 140 -10.42 19.50 -5.65
N GLY C 141 -11.43 20.33 -5.41
CA GLY C 141 -12.28 20.87 -6.49
C GLY C 141 -11.75 22.20 -7.02
N SER C 142 -12.60 22.95 -7.70
CA SER C 142 -12.14 24.15 -8.41
C SER C 142 -12.62 25.50 -7.87
N ASP C 143 -13.34 25.50 -6.76
CA ASP C 143 -13.98 26.71 -6.26
C ASP C 143 -13.00 27.77 -5.72
N PHE C 144 -11.83 27.34 -5.24
CA PHE C 144 -10.90 28.34 -4.66
C PHE C 144 -10.30 29.32 -5.70
N GLY C 145 -10.24 28.90 -6.96
CA GLY C 145 -9.80 29.79 -8.04
C GLY C 145 -8.32 29.63 -8.41
N GLY C 146 -7.84 30.54 -9.27
CA GLY C 146 -6.45 30.48 -9.78
C GLY C 146 -6.12 29.10 -10.34
N SER C 147 -4.97 28.57 -9.97
CA SER C 147 -4.55 27.25 -10.41
C SER C 147 -5.09 26.12 -9.51
N PHE C 148 -5.92 26.46 -8.53
CA PHE C 148 -6.51 25.45 -7.63
C PHE C 148 -7.70 24.79 -8.31
N SER C 149 -7.38 23.90 -9.25
CA SER C 149 -8.37 23.30 -10.13
C SER C 149 -8.50 21.81 -9.84
N ALA C 150 -9.72 21.28 -10.01
CA ALA C 150 -9.94 19.82 -9.99
C ALA C 150 -9.33 19.13 -11.20
N VAL C 151 -8.93 19.88 -12.21
CA VAL C 151 -8.47 19.25 -13.45
C VAL C 151 -6.94 19.28 -13.53
N THR C 152 -6.36 20.40 -13.96
CA THR C 152 -4.91 20.61 -13.89
C THR C 152 -4.55 22.02 -13.39
N ASN C 153 -3.31 22.19 -12.93
CA ASN C 153 -2.84 23.53 -12.56
C ASN C 153 -2.32 24.33 -13.76
N GLY C 154 -1.69 25.47 -13.49
CA GLY C 154 -1.23 26.39 -14.53
C GLY C 154 -0.05 25.88 -15.34
N LEU C 155 0.57 24.82 -14.85
CA LEU C 155 1.70 24.20 -15.54
C LEU C 155 1.29 22.95 -16.31
N GLY C 156 0.01 22.61 -16.22
CA GLY C 156 -0.54 21.48 -16.96
C GLY C 156 -0.48 20.14 -16.23
N TYR C 157 -0.06 20.17 -14.96
CA TYR C 157 0.01 18.94 -14.17
C TYR C 157 -1.28 18.62 -13.42
N ARG C 158 -1.52 17.33 -13.26
CA ARG C 158 -2.63 16.87 -12.42
CA ARG C 158 -2.63 16.86 -12.43
C ARG C 158 -2.19 16.84 -10.96
N GLN C 159 -3.14 16.90 -10.04
CA GLN C 159 -2.82 16.82 -8.60
C GLN C 159 -2.11 15.49 -8.31
N SER C 160 -2.54 14.46 -9.02
CA SER C 160 -1.96 13.12 -8.91
C SER C 160 -0.48 13.00 -9.30
N ASP C 161 0.03 13.95 -10.09
CA ASP C 161 1.46 13.98 -10.44
C ASP C 161 2.31 14.39 -9.23
N TYR C 162 1.79 15.36 -8.47
CA TYR C 162 2.42 15.77 -7.21
C TYR C 162 2.32 14.64 -6.17
N GLU C 163 1.15 14.02 -6.10
CA GLU C 163 0.95 12.80 -5.28
C GLU C 163 2.00 11.71 -5.55
N ALA C 164 2.20 11.38 -6.83
CA ALA C 164 3.18 10.37 -7.21
C ALA C 164 4.61 10.78 -6.81
N ALA C 165 4.93 12.05 -6.98
CA ALA C 165 6.21 12.59 -6.53
C ALA C 165 6.43 12.32 -5.03
N ILE C 166 5.43 12.64 -4.22
CA ILE C 166 5.48 12.37 -2.79
C ILE C 166 5.69 10.89 -2.49
N ALA C 167 4.90 10.04 -3.14
CA ALA C 167 4.98 8.59 -2.97
C ALA C 167 6.37 8.04 -3.35
N GLN C 168 6.92 8.53 -4.47
CA GLN C 168 8.28 8.18 -4.88
C GLN C 168 9.38 8.68 -3.94
N MSE C 169 9.35 9.96 -3.60
CA MSE C 169 10.42 10.50 -2.76
C MSE C 169 10.42 9.94 -1.33
O MSE C 169 11.47 9.60 -0.81
CB MSE C 169 10.41 12.02 -2.75
CG MSE C 169 10.78 12.63 -4.12
SE MSE C 169 12.50 11.92 -4.74
CE MSE C 169 13.64 12.67 -3.35
N THR C 170 9.25 9.84 -0.72
CA THR C 170 9.14 9.28 0.64
C THR C 170 9.68 7.87 0.70
N ALA C 171 9.39 7.08 -0.34
CA ALA C 171 9.89 5.71 -0.45
C ALA C 171 11.41 5.61 -0.38
N ASP C 172 12.12 6.49 -1.09
CA ASP C 172 13.61 6.49 -1.03
C ASP C 172 14.17 6.77 0.35
N TYR C 173 13.38 7.41 1.22
CA TYR C 173 13.84 7.80 2.55
C TYR C 173 13.26 6.98 3.67
N GLY C 174 12.44 6.00 3.31
CA GLY C 174 11.83 5.11 4.28
C GLY C 174 10.73 5.78 5.08
N VAL C 175 10.09 6.80 4.53
CA VAL C 175 9.17 7.58 5.34
C VAL C 175 7.74 7.19 5.01
N PRO C 176 7.01 6.64 6.00
CA PRO C 176 5.66 6.20 5.73
C PRO C 176 4.82 7.30 5.10
N HIS C 177 3.98 6.94 4.13
CA HIS C 177 3.17 7.95 3.45
C HIS C 177 1.67 7.70 3.59
N LEU C 178 0.95 8.60 4.26
CA LEU C 178 -0.51 8.52 4.32
C LEU C 178 -1.08 9.35 3.17
N SER C 179 -1.61 8.67 2.17
CA SER C 179 -2.26 9.32 1.04
C SER C 179 -3.75 9.51 1.31
N LEU C 180 -4.14 10.66 1.85
CA LEU C 180 -5.56 11.01 1.93
C LEU C 180 -6.13 11.08 0.52
N TYR C 181 -5.31 11.56 -0.41
CA TYR C 181 -5.67 11.55 -1.82
C TYR C 181 -6.31 10.23 -2.27
N ARG C 182 -5.63 9.12 -2.08
CA ARG C 182 -6.17 7.84 -2.52
C ARG C 182 -7.04 7.13 -1.48
N ASP C 183 -6.97 7.54 -0.22
CA ASP C 183 -7.56 6.74 0.87
C ASP C 183 -8.52 7.44 1.82
N ALA C 184 -8.72 8.75 1.67
CA ALA C 184 -9.59 9.50 2.57
C ALA C 184 -11.06 9.06 2.54
N GLY C 185 -11.47 8.41 1.45
CA GLY C 185 -12.86 8.00 1.29
C GLY C 185 -13.67 9.10 0.62
N MSE C 186 -13.00 10.21 0.32
CA MSE C 186 -13.65 11.36 -0.27
C MSE C 186 -12.73 12.16 -1.17
O MSE C 186 -11.50 12.06 -1.12
CB MSE C 186 -14.21 12.29 0.81
CG MSE C 186 -13.16 13.18 1.45
SE MSE C 186 -13.72 13.82 3.19
CE MSE C 186 -14.61 12.17 3.81
N THR C 187 -13.38 12.97 -1.98
CA THR C 187 -12.75 13.90 -2.88
C THR C 187 -13.57 15.19 -2.89
N PHE C 188 -12.88 16.32 -2.85
CA PHE C 188 -13.57 17.60 -2.92
C PHE C 188 -13.96 18.00 -4.36
N ALA C 189 -13.49 17.23 -5.35
CA ALA C 189 -13.94 17.35 -6.74
C ALA C 189 -15.39 16.91 -6.93
N ILE C 190 -15.94 16.14 -5.99
CA ILE C 190 -17.35 15.74 -6.03
C ILE C 190 -18.14 16.68 -5.13
N PRO C 191 -19.07 17.46 -5.72
CA PRO C 191 -19.80 18.45 -4.93
C PRO C 191 -20.56 17.90 -3.73
N ALA C 192 -21.19 16.74 -3.85
CA ALA C 192 -21.90 16.15 -2.70
C ALA C 192 -20.98 16.00 -1.47
N GLN C 193 -19.71 15.68 -1.69
CA GLN C 193 -18.73 15.55 -0.61
C GLN C 193 -18.01 16.84 -0.22
N ALA C 194 -17.70 17.68 -1.21
CA ALA C 194 -17.18 19.02 -0.92
C ALA C 194 -18.18 19.84 -0.07
N ALA C 195 -19.47 19.67 -0.31
CA ALA C 195 -20.49 20.37 0.48
C ALA C 195 -20.54 19.89 1.93
N ILE C 196 -20.10 18.68 2.20
CA ILE C 196 -20.22 18.12 3.56
C ILE C 196 -18.93 18.34 4.35
N TYR C 197 -17.81 18.15 3.65
CA TYR C 197 -16.52 18.03 4.29
C TYR C 197 -15.51 19.17 4.05
N SER C 198 -15.87 20.15 3.22
CA SER C 198 -14.94 21.24 2.94
C SER C 198 -15.57 22.59 3.10
N VAL C 199 -14.73 23.61 3.25
CA VAL C 199 -15.18 25.00 3.33
C VAL C 199 -15.39 25.56 1.90
N ASP C 200 -14.60 25.10 0.94
CA ASP C 200 -14.42 25.81 -0.32
C ASP C 200 -13.84 24.94 -1.42
N THR C 201 -14.00 23.63 -1.29
CA THR C 201 -13.40 22.60 -2.17
C THR C 201 -11.88 22.44 -2.05
N LEU C 202 -11.26 23.21 -1.18
CA LEU C 202 -9.82 23.09 -0.93
C LEU C 202 -9.56 22.74 0.56
N HIS C 203 -10.12 23.52 1.46
CA HIS C 203 -9.89 23.36 2.88
C HIS C 203 -10.97 22.50 3.50
N PRO C 204 -10.59 21.42 4.21
CA PRO C 204 -11.56 20.67 5.00
C PRO C 204 -12.25 21.60 6.02
N ASN C 205 -13.53 21.37 6.27
CA ASN C 205 -14.19 22.00 7.41
C ASN C 205 -14.01 21.12 8.66
N ASN C 206 -14.64 21.46 9.77
CA ASN C 206 -14.43 20.68 11.00
C ASN C 206 -14.76 19.18 10.82
N ALA C 207 -15.77 18.91 10.00
CA ALA C 207 -16.16 17.51 9.72
C ALA C 207 -15.10 16.81 8.88
N GLY C 208 -14.53 17.53 7.90
CA GLY C 208 -13.41 17.04 7.12
C GLY C 208 -12.19 16.73 7.96
N HIS C 209 -11.91 17.61 8.94
CA HIS C 209 -10.78 17.42 9.86
C HIS C 209 -10.92 16.21 10.77
N ARG C 210 -12.16 15.87 11.11
CA ARG C 210 -12.48 14.67 11.86
C ARG C 210 -12.19 13.41 11.07
N VAL C 211 -12.55 13.43 9.78
CA VAL C 211 -12.23 12.34 8.88
C VAL C 211 -10.72 12.11 8.77
N ILE C 212 -9.99 13.19 8.54
CA ILE C 212 -8.53 13.17 8.49
C ILE C 212 -7.90 12.58 9.77
N ALA C 213 -8.30 13.11 10.92
CA ALA C 213 -7.91 12.58 12.23
C ALA C 213 -8.17 11.09 12.36
N ARG C 214 -9.30 10.62 11.83
CA ARG C 214 -9.65 9.20 11.86
C ARG C 214 -8.69 8.36 11.01
N LYS C 215 -8.44 8.82 9.79
CA LYS C 215 -7.54 8.14 8.87
C LYS C 215 -6.09 8.14 9.38
N LEU C 216 -5.64 9.25 9.94
CA LEU C 216 -4.31 9.31 10.56
C LEU C 216 -4.19 8.30 11.71
N GLN C 217 -5.15 8.35 12.63
CA GLN C 217 -5.14 7.44 13.78
C GLN C 217 -5.10 5.97 13.36
N SER C 218 -5.88 5.56 12.35
CA SER C 218 -5.83 4.15 11.96
C SER C 218 -4.60 3.79 11.12
N PHE C 219 -4.03 4.77 10.40
CA PHE C 219 -2.76 4.57 9.74
C PHE C 219 -1.66 4.30 10.77
N LEU C 220 -1.60 5.15 11.79
CA LEU C 220 -0.65 5.00 12.88
C LEU C 220 -0.74 3.64 13.54
N ASP C 221 -1.97 3.23 13.88
CA ASP C 221 -2.23 1.91 14.46
C ASP C 221 -1.69 0.75 13.61
N SER C 222 -1.70 0.94 12.29
CA SER C 222 -1.24 -0.05 11.32
C SER C 222 0.28 -0.15 11.17
N HIS C 223 0.97 0.98 11.34
CA HIS C 223 2.40 1.09 11.00
C HIS C 223 3.32 1.31 12.19
N PHE C 224 2.76 1.52 13.37
CA PHE C 224 3.54 1.77 14.57
C PHE C 224 3.00 0.87 15.71
N LEU C 225 3.88 0.38 16.57
CA LEU C 225 3.48 -0.49 17.70
C LEU C 225 3.63 0.22 19.04
S SO4 D . 25.02 -4.26 18.02
O1 SO4 D . 24.10 -3.37 18.73
O2 SO4 D . 24.51 -4.62 16.69
O3 SO4 D . 26.30 -3.57 17.90
O4 SO4 D . 25.18 -5.51 18.78
S SO4 E . 1.86 -7.13 -3.33
O1 SO4 E . 0.82 -6.19 -2.93
O2 SO4 E . 1.32 -8.12 -4.24
O3 SO4 E . 2.96 -6.41 -3.99
O4 SO4 E . 2.34 -7.85 -2.15
NA NA F . -18.17 -9.95 -7.85
MG MG G . -0.44 -5.52 -16.17
NA NA H . 4.04 4.59 3.59
S SO4 I . -15.41 21.34 -8.86
O1 SO4 I . -15.46 20.34 -7.80
O2 SO4 I . -16.62 21.19 -9.68
O3 SO4 I . -15.34 22.66 -8.22
O4 SO4 I . -14.24 21.11 -9.72
#